data_6XJE
#
_entry.id   6XJE
#
_cell.length_a   51.530
_cell.length_b   114.440
_cell.length_c   142.930
_cell.angle_alpha   90.000
_cell.angle_beta   90.000
_cell.angle_gamma   90.000
#
_symmetry.space_group_name_H-M   'P 21 21 21'
#
loop_
_entity.id
_entity.type
_entity.pdbx_description
1 polymer 'Cysteine hydrolase'
2 non-polymer 'tricarbonodiimidic diamide'
3 non-polymer 1,2-ETHANEDIOL
4 water water
#
_entity_poly.entity_id   1
_entity_poly.type   'polypeptide(L)'
_entity_poly.pdbx_seq_one_letter_code
;GSHMIRIDATPYPYQFHPRSTALVVIDMQRDFIEEGGFGSALGNDVRPLAAIVPTVAALLQLAREAGMLVVHTRESHLPD
LSDCPRSKRLRGNPTLGIGDVGPMGRILVQGEPGNQILPQLAPVEGELVIDKPGKGAFYATDLHAQLQERRITHLLVAGV
TTEVSVQTSMREANDRGYECLVIEDACASYFPDFHRITLEMLTAQGGIVGWRTPLAQLQAGVA
;
_entity_poly.pdbx_strand_id   A,B,C,D
#
loop_
_chem_comp.id
_chem_comp.type
_chem_comp.name
_chem_comp.formula
EDO non-polymer 1,2-ETHANEDIOL 'C2 H6 O2'
TIU non-polymer 'tricarbonodiimidic diamide' 'C3 H6 N4 O3'
#
# COMPACT_ATOMS: atom_id res chain seq x y z
N MET A 4 22.64 18.02 7.43
CA MET A 4 22.69 16.55 7.77
C MET A 4 21.56 16.22 8.77
N ILE A 5 20.92 15.05 8.65
CA ILE A 5 19.90 14.58 9.61
C ILE A 5 20.52 13.48 10.47
N ARG A 6 20.41 13.59 11.77
CA ARG A 6 20.99 12.66 12.74
C ARG A 6 19.86 11.88 13.39
N ILE A 7 19.95 10.57 13.25
CA ILE A 7 18.98 9.56 13.70
C ILE A 7 19.58 8.86 14.91
N ASP A 8 18.80 8.70 15.96
CA ASP A 8 19.16 7.87 17.12
C ASP A 8 19.10 6.43 16.58
N ALA A 9 20.22 5.76 16.67
CA ALA A 9 20.37 4.42 16.07
C ALA A 9 21.31 3.63 16.94
N THR A 10 21.31 2.33 16.74
CA THR A 10 22.23 1.39 17.36
C THR A 10 23.27 1.10 16.30
N PRO A 11 24.60 1.10 16.59
CA PRO A 11 25.17 1.25 17.94
C PRO A 11 25.47 2.69 18.35
N TYR A 12 25.39 3.62 17.43
CA TYR A 12 25.59 5.06 17.72
C TYR A 12 24.84 5.82 16.66
N PRO A 13 24.71 7.16 16.78
CA PRO A 13 23.86 7.88 15.86
C PRO A 13 24.30 7.76 14.42
N TYR A 14 23.31 7.76 13.54
CA TYR A 14 23.48 7.67 12.07
C TYR A 14 23.13 9.00 11.45
N GLN A 15 23.98 9.54 10.64
CA GLN A 15 23.78 10.85 9.98
C GLN A 15 23.70 10.65 8.47
N PHE A 16 22.76 11.29 7.80
CA PHE A 16 22.64 11.21 6.34
C PHE A 16 22.05 12.50 5.82
N HIS A 17 22.21 12.70 4.54
CA HIS A 17 21.53 13.76 3.77
C HIS A 17 20.59 13.08 2.80
N PRO A 18 19.28 13.43 2.79
CA PRO A 18 18.34 12.76 1.89
C PRO A 18 18.79 12.67 0.42
N ARG A 19 19.47 13.69 -0.10
CA ARG A 19 19.82 13.73 -1.53
C ARG A 19 21.00 12.80 -1.87
N SER A 20 21.71 12.28 -0.87
N SER A 20 21.69 12.29 -0.87
CA SER A 20 22.79 11.28 -1.15
CA SER A 20 22.84 11.35 -1.02
C SER A 20 22.42 9.95 -0.49
C SER A 20 22.44 9.95 -0.49
N THR A 21 21.14 9.74 -0.27
CA THR A 21 20.63 8.52 0.41
C THR A 21 19.62 7.84 -0.50
N ALA A 22 19.61 6.53 -0.54
CA ALA A 22 18.57 5.75 -1.21
C ALA A 22 17.89 4.85 -0.20
N LEU A 23 16.60 4.66 -0.39
CA LEU A 23 15.84 3.59 0.32
C LEU A 23 15.90 2.38 -0.61
N VAL A 24 16.31 1.23 -0.08
CA VAL A 24 16.31 -0.05 -0.81
C VAL A 24 15.28 -0.95 -0.17
N VAL A 25 14.22 -1.29 -0.91
CA VAL A 25 13.14 -2.18 -0.43
C VAL A 25 13.34 -3.52 -1.06
N ILE A 26 13.68 -4.52 -0.29
CA ILE A 26 14.15 -5.82 -0.78
C ILE A 26 13.00 -6.85 -0.81
N ASP A 27 12.70 -7.32 -2.03
CA ASP A 27 11.96 -8.59 -2.27
C ASP A 27 10.57 -8.64 -1.62
N MET A 28 9.83 -7.55 -1.61
CA MET A 28 8.49 -7.52 -1.01
C MET A 28 7.48 -8.05 -2.05
N GLN A 29 7.63 -9.33 -2.35
CA GLN A 29 6.94 -9.99 -3.47
C GLN A 29 5.94 -11.01 -2.95
N ARG A 30 4.90 -11.26 -3.74
N ARG A 30 4.90 -11.26 -3.74
CA ARG A 30 3.92 -12.34 -3.40
CA ARG A 30 3.92 -12.33 -3.41
C ARG A 30 4.63 -13.69 -3.22
C ARG A 30 4.63 -13.68 -3.23
N ASP A 31 5.73 -13.92 -3.97
CA ASP A 31 6.46 -15.20 -3.90
C ASP A 31 6.93 -15.46 -2.45
N PHE A 32 7.18 -14.41 -1.67
CA PHE A 32 7.63 -14.57 -0.27
C PHE A 32 6.50 -14.34 0.75
N ILE A 33 5.55 -13.48 0.46
CA ILE A 33 4.59 -12.96 1.47
C ILE A 33 3.27 -13.71 1.40
N GLU A 34 2.92 -14.24 0.23
N GLU A 34 2.90 -14.21 0.23
CA GLU A 34 1.63 -14.95 0.03
CA GLU A 34 1.62 -14.94 0.03
C GLU A 34 1.85 -16.46 0.03
C GLU A 34 1.85 -16.45 0.02
N GLU A 35 0.84 -17.21 0.47
CA GLU A 35 0.87 -18.69 0.43
C GLU A 35 0.95 -19.19 -1.02
N GLY A 36 1.74 -20.23 -1.23
CA GLY A 36 1.78 -20.96 -2.52
C GLY A 36 2.89 -20.54 -3.48
N GLY A 37 3.74 -19.59 -3.10
CA GLY A 37 4.90 -19.25 -3.95
C GLY A 37 6.17 -19.93 -3.48
N PHE A 38 7.28 -19.29 -3.82
CA PHE A 38 8.64 -19.83 -3.52
C PHE A 38 8.82 -20.06 -2.01
N GLY A 39 8.45 -19.07 -1.18
CA GLY A 39 8.57 -19.22 0.29
C GLY A 39 7.84 -20.46 0.82
N SER A 40 6.63 -20.69 0.35
CA SER A 40 5.84 -21.90 0.72
C SER A 40 6.53 -23.16 0.18
N ALA A 41 7.03 -23.08 -1.03
CA ALA A 41 7.66 -24.24 -1.70
C ALA A 41 8.86 -24.72 -0.90
N LEU A 42 9.55 -23.82 -0.19
CA LEU A 42 10.72 -24.19 0.64
C LEU A 42 10.29 -24.75 2.00
N GLY A 43 8.99 -24.87 2.25
CA GLY A 43 8.45 -25.49 3.46
C GLY A 43 8.14 -24.50 4.55
N ASN A 44 8.13 -23.20 4.27
CA ASN A 44 7.89 -22.18 5.31
C ASN A 44 6.40 -21.87 5.50
N ASP A 45 6.06 -21.52 6.72
CA ASP A 45 4.83 -20.77 7.05
C ASP A 45 5.15 -19.30 6.78
N VAL A 46 4.55 -18.73 5.75
CA VAL A 46 4.93 -17.36 5.29
C VAL A 46 4.23 -16.27 6.10
N ARG A 47 3.36 -16.63 7.03
CA ARG A 47 2.46 -15.65 7.71
C ARG A 47 3.20 -14.51 8.41
N PRO A 48 4.39 -14.70 9.04
CA PRO A 48 5.04 -13.59 9.74
C PRO A 48 5.31 -12.37 8.84
N LEU A 49 5.55 -12.56 7.54
CA LEU A 49 6.04 -11.42 6.75
C LEU A 49 4.98 -10.35 6.55
N ALA A 50 3.69 -10.71 6.48
CA ALA A 50 2.64 -9.74 6.13
C ALA A 50 2.55 -8.62 7.19
N ALA A 51 2.95 -8.91 8.41
CA ALA A 51 2.83 -7.97 9.55
C ALA A 51 3.55 -6.65 9.27
N ILE A 52 4.63 -6.65 8.47
CA ILE A 52 5.43 -5.43 8.26
C ILE A 52 4.92 -4.57 7.12
N VAL A 53 3.94 -5.00 6.36
CA VAL A 53 3.59 -4.29 5.10
C VAL A 53 3.19 -2.85 5.41
N PRO A 54 2.35 -2.52 6.43
CA PRO A 54 2.06 -1.12 6.69
C PRO A 54 3.28 -0.27 7.07
N THR A 55 4.23 -0.87 7.81
CA THR A 55 5.44 -0.17 8.21
C THR A 55 6.31 0.10 6.98
N VAL A 56 6.45 -0.91 6.09
CA VAL A 56 7.24 -0.69 4.86
C VAL A 56 6.56 0.39 4.02
N ALA A 57 5.21 0.40 3.98
CA ALA A 57 4.52 1.44 3.21
C ALA A 57 4.78 2.83 3.79
N ALA A 58 4.80 2.92 5.10
CA ALA A 58 5.10 4.20 5.76
C ALA A 58 6.54 4.66 5.47
N LEU A 59 7.49 3.72 5.45
CA LEU A 59 8.87 4.04 5.08
C LEU A 59 8.97 4.52 3.64
N LEU A 60 8.28 3.84 2.73
CA LEU A 60 8.28 4.22 1.29
C LEU A 60 7.70 5.63 1.15
N GLN A 61 6.61 5.93 1.84
CA GLN A 61 6.02 7.30 1.79
C GLN A 61 7.01 8.32 2.33
N LEU A 62 7.69 8.01 3.42
CA LEU A 62 8.70 8.93 4.00
C LEU A 62 9.78 9.23 2.97
N ALA A 63 10.31 8.20 2.31
CA ALA A 63 11.38 8.39 1.32
C ALA A 63 10.88 9.22 0.14
N ARG A 64 9.69 8.94 -0.37
CA ARG A 64 9.09 9.66 -1.51
C ARG A 64 8.88 11.14 -1.14
N GLU A 65 8.41 11.39 0.07
CA GLU A 65 8.13 12.78 0.51
C GLU A 65 9.44 13.53 0.73
N ALA A 66 10.53 12.86 1.10
CA ALA A 66 11.87 13.47 1.31
C ALA A 66 12.63 13.63 -0.01
N GLY A 67 12.11 13.08 -1.10
CA GLY A 67 12.74 13.15 -2.42
C GLY A 67 14.00 12.30 -2.50
N MET A 68 14.08 11.24 -1.71
CA MET A 68 15.20 10.28 -1.78
C MET A 68 15.00 9.33 -2.97
N LEU A 69 16.10 8.83 -3.48
CA LEU A 69 16.06 7.73 -4.49
C LEU A 69 15.43 6.49 -3.83
N VAL A 70 14.53 5.85 -4.52
CA VAL A 70 13.92 4.60 -4.06
C VAL A 70 14.30 3.49 -5.04
N VAL A 71 14.81 2.40 -4.51
CA VAL A 71 15.23 1.20 -5.25
C VAL A 71 14.38 0.05 -4.72
N HIS A 72 13.79 -0.74 -5.58
CA HIS A 72 13.07 -1.95 -5.24
C HIS A 72 13.83 -3.12 -5.82
N THR A 73 13.99 -4.19 -5.10
CA THR A 73 14.55 -5.42 -5.67
C THR A 73 13.49 -6.51 -5.74
N ARG A 74 13.60 -7.38 -6.75
CA ARG A 74 12.78 -8.57 -6.90
C ARG A 74 13.71 -9.75 -7.11
N GLU A 75 13.61 -10.79 -6.33
CA GLU A 75 14.32 -12.05 -6.63
C GLU A 75 13.52 -12.72 -7.76
N SER A 76 14.20 -13.02 -8.85
CA SER A 76 13.48 -13.46 -10.07
C SER A 76 14.45 -14.06 -11.06
N HIS A 77 13.89 -14.88 -11.94
CA HIS A 77 14.66 -15.52 -13.02
C HIS A 77 14.00 -15.23 -14.37
N LEU A 78 14.83 -15.15 -15.39
CA LEU A 78 14.33 -15.10 -16.77
C LEU A 78 13.43 -16.30 -17.01
N PRO A 79 12.39 -16.14 -17.87
CA PRO A 79 11.49 -17.25 -18.16
C PRO A 79 12.19 -18.50 -18.72
N ASP A 80 13.30 -18.34 -19.40
CA ASP A 80 14.06 -19.52 -19.91
C ASP A 80 15.03 -20.07 -18.86
N LEU A 81 15.05 -19.48 -17.64
CA LEU A 81 15.89 -19.90 -16.48
C LEU A 81 17.37 -19.86 -16.83
N SER A 82 17.79 -19.05 -17.80
CA SER A 82 19.21 -19.01 -18.20
C SER A 82 20.06 -18.31 -17.11
N ASP A 83 19.46 -17.61 -16.17
CA ASP A 83 20.21 -17.00 -15.04
C ASP A 83 19.93 -17.74 -13.74
N CYS A 84 19.43 -18.95 -13.81
CA CYS A 84 19.10 -19.75 -12.60
C CYS A 84 20.10 -20.88 -12.50
N PRO A 85 21.10 -20.81 -11.61
CA PRO A 85 22.08 -21.89 -11.52
C PRO A 85 21.40 -23.23 -11.22
N ARG A 86 21.95 -24.32 -11.78
CA ARG A 86 21.43 -25.66 -11.52
C ARG A 86 21.43 -25.94 -10.02
N SER A 87 22.46 -25.51 -9.30
CA SER A 87 22.53 -25.71 -7.82
C SER A 87 21.26 -25.16 -7.12
N LYS A 88 20.86 -23.96 -7.51
CA LYS A 88 19.66 -23.30 -6.92
C LYS A 88 18.38 -24.07 -7.27
N ARG A 89 18.29 -24.56 -8.50
CA ARG A 89 17.07 -25.29 -8.92
C ARG A 89 16.94 -26.59 -8.11
N LEU A 90 18.04 -27.28 -7.80
CA LEU A 90 18.00 -28.60 -7.17
C LEU A 90 17.95 -28.52 -5.64
N ARG A 91 18.39 -27.39 -5.07
CA ARG A 91 18.61 -27.35 -3.62
C ARG A 91 17.32 -27.69 -2.86
N GLY A 92 17.43 -28.53 -1.83
CA GLY A 92 16.28 -28.85 -0.95
C GLY A 92 15.36 -29.90 -1.56
N ASN A 93 15.64 -30.38 -2.77
CA ASN A 93 14.83 -31.46 -3.42
C ASN A 93 13.36 -31.05 -3.34
N PRO A 94 12.91 -29.84 -3.74
CA PRO A 94 11.53 -29.39 -3.51
C PRO A 94 10.53 -30.17 -4.40
N THR A 95 9.31 -30.37 -3.92
CA THR A 95 8.24 -31.01 -4.72
C THR A 95 7.92 -30.08 -5.90
N LEU A 96 7.76 -28.80 -5.62
CA LEU A 96 7.56 -27.72 -6.63
C LEU A 96 8.72 -26.72 -6.51
N GLY A 97 9.45 -26.56 -7.60
CA GLY A 97 10.69 -25.79 -7.61
C GLY A 97 10.58 -24.54 -8.47
N ILE A 98 11.69 -23.83 -8.58
CA ILE A 98 11.78 -22.64 -9.45
C ILE A 98 11.31 -23.00 -10.87
N GLY A 99 10.39 -22.22 -11.40
CA GLY A 99 9.90 -22.40 -12.76
C GLY A 99 8.70 -23.31 -12.84
N ASP A 100 8.39 -24.08 -11.80
CA ASP A 100 7.22 -24.99 -11.79
C ASP A 100 5.98 -24.12 -11.57
N VAL A 101 4.82 -24.60 -12.04
CA VAL A 101 3.56 -23.81 -11.93
C VAL A 101 2.97 -24.04 -10.54
N GLY A 102 2.87 -22.97 -9.76
CA GLY A 102 2.08 -22.99 -8.53
C GLY A 102 0.79 -22.21 -8.72
N PRO A 103 0.05 -21.96 -7.65
CA PRO A 103 -1.21 -21.23 -7.73
C PRO A 103 -1.10 -19.78 -8.24
N MET A 104 0.10 -19.17 -8.19
CA MET A 104 0.30 -17.78 -8.69
C MET A 104 1.20 -17.78 -9.94
N GLY A 105 1.34 -18.91 -10.60
CA GLY A 105 2.13 -19.00 -11.82
C GLY A 105 3.47 -19.65 -11.55
N ARG A 106 4.38 -19.50 -12.49
CA ARG A 106 5.70 -20.15 -12.39
C ARG A 106 6.48 -19.50 -11.22
N ILE A 107 6.94 -20.35 -10.34
CA ILE A 107 7.58 -19.95 -9.03
C ILE A 107 8.89 -19.20 -9.36
N LEU A 108 9.04 -17.97 -8.86
CA LEU A 108 10.27 -17.15 -8.93
C LEU A 108 10.63 -16.76 -10.35
N VAL A 109 9.66 -16.69 -11.26
CA VAL A 109 9.93 -16.29 -12.66
C VAL A 109 9.42 -14.88 -12.95
N GLN A 110 10.23 -14.09 -13.63
CA GLN A 110 9.85 -12.74 -14.10
C GLN A 110 8.55 -12.80 -14.90
N GLY A 111 7.68 -11.83 -14.62
CA GLY A 111 6.44 -11.60 -15.38
C GLY A 111 5.27 -12.38 -14.82
N GLU A 112 5.47 -13.29 -13.88
CA GLU A 112 4.40 -14.12 -13.30
C GLU A 112 3.72 -13.37 -12.18
N PRO A 113 2.41 -13.59 -11.95
CA PRO A 113 1.71 -12.88 -10.88
C PRO A 113 2.36 -13.06 -9.50
N GLY A 114 2.80 -14.27 -9.18
CA GLY A 114 3.38 -14.56 -7.86
C GLY A 114 4.72 -13.87 -7.68
N ASN A 115 5.38 -13.42 -8.73
CA ASN A 115 6.72 -12.80 -8.62
C ASN A 115 6.60 -11.30 -8.36
N GLN A 116 5.39 -10.72 -8.43
CA GLN A 116 5.24 -9.28 -8.39
C GLN A 116 5.35 -8.72 -6.96
N ILE A 117 5.84 -7.51 -6.91
CA ILE A 117 5.81 -6.71 -5.66
C ILE A 117 4.36 -6.49 -5.24
N LEU A 118 4.09 -6.54 -3.95
CA LEU A 118 2.71 -6.30 -3.44
C LEU A 118 2.26 -4.92 -3.90
N PRO A 119 0.98 -4.77 -4.34
CA PRO A 119 0.47 -3.48 -4.74
C PRO A 119 0.61 -2.36 -3.69
N GLN A 120 0.52 -2.72 -2.41
CA GLN A 120 0.65 -1.74 -1.29
C GLN A 120 2.04 -1.10 -1.28
N LEU A 121 3.03 -1.71 -1.97
CA LEU A 121 4.45 -1.30 -1.94
C LEU A 121 4.98 -1.14 -3.37
N ALA A 122 4.10 -0.99 -4.35
CA ALA A 122 4.51 -1.05 -5.78
C ALA A 122 5.41 0.12 -6.12
N PRO A 123 6.36 -0.08 -7.05
CA PRO A 123 7.16 0.98 -7.59
C PRO A 123 6.32 1.95 -8.39
N VAL A 124 6.77 3.17 -8.42
CA VAL A 124 6.16 4.25 -9.26
C VAL A 124 7.24 4.82 -10.17
N GLU A 125 6.83 5.60 -11.16
CA GLU A 125 7.77 6.23 -12.10
C GLU A 125 8.86 7.01 -11.35
N GLY A 126 10.11 6.84 -11.80
CA GLY A 126 11.25 7.54 -11.19
C GLY A 126 12.03 6.67 -10.21
N GLU A 127 11.51 5.48 -9.94
CA GLU A 127 12.18 4.57 -8.98
C GLU A 127 12.93 3.49 -9.74
N LEU A 128 14.00 2.98 -9.16
CA LEU A 128 14.77 1.89 -9.76
C LEU A 128 14.15 0.57 -9.37
N VAL A 129 14.04 -0.35 -10.29
CA VAL A 129 13.56 -1.72 -10.03
C VAL A 129 14.62 -2.68 -10.53
N ILE A 130 15.17 -3.46 -9.61
CA ILE A 130 16.33 -4.36 -9.88
C ILE A 130 15.77 -5.77 -9.83
N ASP A 131 15.79 -6.55 -10.88
CA ASP A 131 15.60 -8.01 -10.84
C ASP A 131 16.93 -8.67 -10.57
N LYS A 132 16.96 -9.53 -9.57
CA LYS A 132 18.23 -10.17 -9.18
C LYS A 132 18.04 -11.67 -9.11
N PRO A 133 19.03 -12.43 -9.61
CA PRO A 133 18.93 -13.87 -9.60
C PRO A 133 19.44 -14.56 -8.34
N GLY A 134 20.07 -13.80 -7.46
CA GLY A 134 20.54 -14.32 -6.16
C GLY A 134 19.88 -13.57 -5.01
N LYS A 135 20.41 -13.81 -3.84
CA LYS A 135 19.87 -13.19 -2.62
C LYS A 135 20.44 -11.78 -2.47
N GLY A 136 21.70 -11.58 -2.85
CA GLY A 136 22.34 -10.26 -2.75
C GLY A 136 21.90 -9.31 -3.87
N ALA A 137 21.53 -8.10 -3.54
CA ALA A 137 21.07 -7.08 -4.50
C ALA A 137 22.20 -6.65 -5.45
N PHE A 138 23.47 -6.89 -5.13
CA PHE A 138 24.58 -6.37 -5.97
C PHE A 138 25.06 -7.43 -6.94
N TYR A 139 24.78 -8.71 -6.71
CA TYR A 139 25.31 -9.77 -7.59
C TYR A 139 24.51 -9.83 -8.88
N ALA A 140 25.25 -9.71 -10.00
CA ALA A 140 24.69 -9.85 -11.36
C ALA A 140 23.61 -8.78 -11.61
N THR A 141 23.76 -7.64 -10.98
CA THR A 141 22.92 -6.45 -11.21
C THR A 141 23.81 -5.25 -11.52
N ASP A 142 23.19 -4.17 -11.95
CA ASP A 142 23.93 -2.91 -12.09
C ASP A 142 23.66 -1.98 -10.92
N LEU A 143 23.29 -2.51 -9.76
CA LEU A 143 22.88 -1.60 -8.66
C LEU A 143 24.05 -0.70 -8.25
N HIS A 144 25.27 -1.23 -8.05
CA HIS A 144 26.39 -0.39 -7.59
C HIS A 144 26.61 0.76 -8.58
N ALA A 145 26.66 0.44 -9.88
CA ALA A 145 26.90 1.48 -10.91
C ALA A 145 25.79 2.52 -10.89
N GLN A 146 24.54 2.10 -10.73
CA GLN A 146 23.38 3.02 -10.74
C GLN A 146 23.47 3.94 -9.52
N LEU A 147 23.86 3.44 -8.36
CA LEU A 147 23.99 4.26 -7.15
C LEU A 147 25.18 5.20 -7.28
N GLN A 148 26.30 4.73 -7.87
CA GLN A 148 27.50 5.60 -8.04
C GLN A 148 27.21 6.74 -9.02
N GLU A 149 26.44 6.48 -10.07
CA GLU A 149 26.05 7.54 -11.07
C GLU A 149 25.26 8.62 -10.33
N ARG A 150 24.46 8.27 -9.33
CA ARG A 150 23.60 9.23 -8.58
C ARG A 150 24.32 9.76 -7.35
N ARG A 151 25.60 9.43 -7.12
CA ARG A 151 26.42 9.93 -6.00
C ARG A 151 25.74 9.58 -4.68
N ILE A 152 25.19 8.36 -4.62
CA ILE A 152 24.58 7.87 -3.35
C ILE A 152 25.66 7.28 -2.46
N THR A 153 25.65 7.65 -1.19
CA THR A 153 26.63 7.19 -0.18
C THR A 153 25.98 6.40 0.94
N HIS A 154 24.69 6.60 1.17
CA HIS A 154 23.98 6.10 2.34
C HIS A 154 22.77 5.31 1.84
N LEU A 155 22.45 4.20 2.52
CA LEU A 155 21.31 3.34 2.18
C LEU A 155 20.47 3.12 3.42
N LEU A 156 19.16 3.30 3.29
CA LEU A 156 18.18 2.83 4.26
C LEU A 156 17.68 1.50 3.72
N VAL A 157 17.58 0.49 4.56
CA VAL A 157 17.36 -0.89 4.10
C VAL A 157 16.13 -1.47 4.76
N ALA A 158 15.25 -2.09 3.99
CA ALA A 158 14.04 -2.75 4.48
C ALA A 158 13.75 -3.93 3.58
N GLY A 159 12.95 -4.87 4.05
CA GLY A 159 12.36 -5.91 3.21
C GLY A 159 12.45 -7.27 3.83
N VAL A 160 12.40 -8.30 2.97
CA VAL A 160 12.37 -9.69 3.47
C VAL A 160 13.34 -10.54 2.66
N THR A 161 13.77 -11.66 3.21
CA THR A 161 13.75 -11.96 4.64
C THR A 161 15.03 -11.44 5.28
N THR A 162 14.93 -11.15 6.58
CA THR A 162 15.99 -10.47 7.32
C THR A 162 17.31 -11.23 7.18
N GLU A 163 17.31 -12.53 7.32
CA GLU A 163 18.57 -13.28 7.39
C GLU A 163 19.03 -13.72 6.01
N VAL A 164 18.22 -13.57 4.98
CA VAL A 164 18.63 -14.03 3.61
C VAL A 164 18.90 -12.78 2.77
N SER A 165 17.95 -12.29 2.01
CA SER A 165 18.26 -11.20 1.04
C SER A 165 18.62 -9.92 1.78
N VAL A 166 18.00 -9.59 2.89
CA VAL A 166 18.32 -8.30 3.57
C VAL A 166 19.76 -8.33 4.08
N GLN A 167 20.13 -9.30 4.87
CA GLN A 167 21.50 -9.34 5.40
C GLN A 167 22.51 -9.50 4.28
N THR A 168 22.19 -10.28 3.25
CA THR A 168 23.18 -10.49 2.16
C THR A 168 23.44 -9.15 1.49
N SER A 169 22.38 -8.42 1.18
CA SER A 169 22.48 -7.14 0.48
C SER A 169 23.19 -6.12 1.35
N MET A 170 22.91 -6.06 2.63
CA MET A 170 23.56 -5.11 3.54
C MET A 170 25.07 -5.43 3.67
N ARG A 171 25.43 -6.70 3.82
CA ARG A 171 26.86 -7.09 3.85
C ARG A 171 27.55 -6.72 2.54
N GLU A 172 26.90 -6.94 1.42
CA GLU A 172 27.50 -6.53 0.10
C GLU A 172 27.67 -5.01 0.06
N ALA A 173 26.67 -4.26 0.47
CA ALA A 173 26.72 -2.79 0.44
C ALA A 173 27.83 -2.28 1.36
N ASN A 174 27.97 -2.83 2.55
CA ASN A 174 29.01 -2.44 3.51
C ASN A 174 30.38 -2.65 2.84
N ASP A 175 30.61 -3.77 2.20
CA ASP A 175 31.92 -4.04 1.54
C ASP A 175 32.23 -2.98 0.49
N ARG A 176 31.20 -2.50 -0.21
CA ARG A 176 31.29 -1.49 -1.28
C ARG A 176 31.38 -0.05 -0.73
N GLY A 177 31.38 0.16 0.55
CA GLY A 177 31.61 1.49 1.15
C GLY A 177 30.38 2.28 1.47
N TYR A 178 29.19 1.69 1.36
CA TYR A 178 27.94 2.39 1.73
C TYR A 178 27.75 2.40 3.23
N GLU A 179 27.11 3.45 3.74
CA GLU A 179 26.73 3.57 5.15
C GLU A 179 25.27 3.18 5.28
N CYS A 180 25.00 2.02 5.88
CA CYS A 180 23.64 1.42 5.81
C CYS A 180 22.95 1.42 7.14
N LEU A 181 21.67 1.87 7.12
CA LEU A 181 20.79 1.83 8.30
C LEU A 181 19.64 0.87 7.96
N VAL A 182 19.52 -0.20 8.68
CA VAL A 182 18.39 -1.14 8.54
C VAL A 182 17.25 -0.71 9.46
N ILE A 183 16.07 -0.64 8.90
CA ILE A 183 14.85 -0.23 9.63
C ILE A 183 14.23 -1.49 10.21
N GLU A 184 14.45 -1.70 11.50
CA GLU A 184 14.26 -3.02 12.17
C GLU A 184 12.83 -3.58 12.05
N ASP A 185 11.83 -2.71 12.15
CA ASP A 185 10.41 -3.12 12.08
C ASP A 185 9.88 -3.05 10.65
N ALA A 186 10.75 -2.80 9.69
CA ALA A 186 10.44 -2.83 8.26
C ALA A 186 11.16 -4.02 7.61
N CYS A 187 11.54 -5.00 8.41
N CYS A 187 11.59 -5.00 8.40
CA CYS A 187 12.15 -6.27 7.97
CA CYS A 187 12.08 -6.29 7.87
C CYS A 187 11.46 -7.41 8.68
C CYS A 187 11.47 -7.43 8.68
N ALA A 188 11.44 -8.60 8.09
CA ALA A 188 10.88 -9.77 8.76
C ALA A 188 11.47 -11.04 8.20
N SER A 189 11.34 -12.09 8.95
CA SER A 189 11.87 -13.44 8.67
C SER A 189 10.76 -14.47 8.84
N TYR A 190 10.92 -15.62 8.18
CA TYR A 190 10.06 -16.78 8.52
C TYR A 190 10.41 -17.29 9.91
N PHE A 191 11.56 -16.97 10.47
CA PHE A 191 12.04 -17.56 11.74
C PHE A 191 12.26 -16.49 12.75
N PRO A 192 11.56 -16.55 13.93
CA PRO A 192 11.94 -15.69 15.04
C PRO A 192 13.37 -16.01 15.54
N ASP A 193 13.82 -17.23 15.30
CA ASP A 193 15.19 -17.68 15.59
C ASP A 193 16.22 -16.78 14.88
N PHE A 194 15.88 -16.12 13.77
CA PHE A 194 16.88 -15.51 12.88
C PHE A 194 16.73 -14.00 12.75
N HIS A 195 15.54 -13.44 12.91
CA HIS A 195 15.31 -12.02 12.62
C HIS A 195 16.12 -11.17 13.62
N ARG A 196 15.80 -11.20 14.89
CA ARG A 196 16.41 -10.25 15.81
C ARG A 196 17.92 -10.51 15.92
N ILE A 197 18.37 -11.75 15.97
CA ILE A 197 19.83 -11.99 16.12
C ILE A 197 20.59 -11.58 14.86
N THR A 198 20.00 -11.66 13.68
CA THR A 198 20.63 -11.13 12.48
C THR A 198 20.86 -9.61 12.64
N LEU A 199 19.84 -8.90 13.10
CA LEU A 199 19.97 -7.42 13.29
C LEU A 199 21.08 -7.18 14.32
N GLU A 200 21.14 -7.96 15.37
CA GLU A 200 22.19 -7.78 16.41
C GLU A 200 23.57 -8.05 15.81
N MET A 201 23.73 -9.09 14.99
N MET A 201 23.73 -9.08 14.99
CA MET A 201 25.05 -9.38 14.37
CA MET A 201 25.10 -9.36 14.47
C MET A 201 25.49 -8.22 13.49
C MET A 201 25.50 -8.26 13.47
N LEU A 202 24.57 -7.67 12.71
CA LEU A 202 24.93 -6.65 11.72
C LEU A 202 25.52 -5.43 12.43
N THR A 203 25.06 -5.14 13.66
CA THR A 203 25.42 -3.87 14.32
C THR A 203 26.39 -4.11 15.48
N ALA A 204 26.82 -5.32 15.69
CA ALA A 204 27.80 -5.70 16.73
C ALA A 204 29.17 -5.10 16.45
N GLN A 205 30.03 -5.11 17.50
CA GLN A 205 31.45 -4.71 17.34
C GLN A 205 31.56 -3.27 16.86
N GLY A 206 30.67 -2.39 17.32
CA GLY A 206 30.68 -0.98 16.91
C GLY A 206 30.18 -0.74 15.50
N GLY A 207 29.21 -1.56 15.04
CA GLY A 207 28.59 -1.31 13.74
C GLY A 207 29.29 -2.02 12.60
N ILE A 208 29.73 -3.26 12.79
CA ILE A 208 30.64 -3.88 11.81
C ILE A 208 30.02 -3.88 10.42
N VAL A 209 28.72 -4.19 10.27
CA VAL A 209 28.08 -4.08 8.96
C VAL A 209 27.35 -2.75 8.81
N GLY A 210 26.73 -2.24 9.86
CA GLY A 210 26.05 -0.94 9.79
C GLY A 210 25.26 -0.69 11.05
N TRP A 211 24.16 0.02 10.88
CA TRP A 211 23.32 0.57 11.96
C TRP A 211 21.91 0.02 11.86
N ARG A 212 21.15 0.07 12.95
CA ARG A 212 19.73 -0.30 12.95
C ARG A 212 18.91 0.67 13.81
N THR A 213 17.66 0.86 13.44
CA THR A 213 16.75 1.67 14.27
C THR A 213 15.33 1.33 13.88
N PRO A 214 14.34 1.55 14.76
CA PRO A 214 12.94 1.43 14.34
C PRO A 214 12.51 2.62 13.47
N LEU A 215 11.46 2.41 12.67
CA LEU A 215 10.90 3.48 11.82
C LEU A 215 10.59 4.77 12.60
N ALA A 216 10.10 4.62 13.83
CA ALA A 216 9.72 5.84 14.57
C ALA A 216 10.91 6.79 14.76
N GLN A 217 12.11 6.26 14.96
CA GLN A 217 13.31 7.12 15.11
C GLN A 217 13.67 7.81 13.81
N LEU A 218 13.51 7.12 12.66
CA LEU A 218 13.70 7.78 11.37
C LEU A 218 12.65 8.87 11.14
N GLN A 219 11.40 8.59 11.44
CA GLN A 219 10.28 9.56 11.28
C GLN A 219 10.58 10.81 12.12
N ALA A 220 11.12 10.62 13.33
CA ALA A 220 11.45 11.77 14.21
C ALA A 220 12.49 12.68 13.54
N GLY A 221 13.43 12.13 12.77
CA GLY A 221 14.49 12.94 12.12
C GLY A 221 14.00 13.71 10.92
N VAL A 222 13.03 13.18 10.17
CA VAL A 222 12.56 13.81 8.91
C VAL A 222 11.26 14.56 9.20
N MET B 4 33.87 -40.17 -6.80
CA MET B 4 32.85 -39.28 -6.14
C MET B 4 32.81 -39.56 -4.62
N ILE B 5 32.75 -38.52 -3.78
CA ILE B 5 32.84 -38.65 -2.31
C ILE B 5 31.50 -38.18 -1.75
N ARG B 6 30.88 -38.97 -0.89
CA ARG B 6 29.57 -38.63 -0.28
C ARG B 6 29.77 -38.50 1.21
N ILE B 7 29.40 -37.35 1.75
CA ILE B 7 29.62 -36.93 3.16
C ILE B 7 28.25 -36.83 3.83
N ASP B 8 28.10 -37.39 5.02
CA ASP B 8 26.91 -37.14 5.85
C ASP B 8 26.99 -35.68 6.29
N ALA B 9 25.96 -34.93 5.99
CA ALA B 9 25.94 -33.48 6.30
C ALA B 9 24.52 -33.06 6.63
N THR B 10 24.39 -31.85 7.13
CA THR B 10 23.11 -31.17 7.37
C THR B 10 22.95 -30.22 6.22
N PRO B 11 21.81 -30.10 5.53
CA PRO B 11 20.56 -30.80 5.89
C PRO B 11 20.37 -32.17 5.24
N TYR B 12 21.23 -32.54 4.30
CA TYR B 12 21.21 -33.89 3.65
C TYR B 12 22.58 -34.13 3.09
N PRO B 13 22.91 -35.34 2.61
CA PRO B 13 24.30 -35.60 2.24
C PRO B 13 24.83 -34.68 1.14
N TYR B 14 26.13 -34.47 1.24
CA TYR B 14 26.91 -33.60 0.31
C TYR B 14 27.84 -34.48 -0.51
N GLN B 15 27.77 -34.37 -1.82
CA GLN B 15 28.60 -35.16 -2.75
C GLN B 15 29.53 -34.24 -3.51
N PHE B 16 30.81 -34.61 -3.65
CA PHE B 16 31.75 -33.81 -4.44
C PHE B 16 32.79 -34.74 -5.07
N HIS B 17 33.48 -34.19 -6.03
CA HIS B 17 34.65 -34.84 -6.67
C HIS B 17 35.86 -33.98 -6.42
N PRO B 18 36.98 -34.51 -5.88
CA PRO B 18 38.15 -33.70 -5.63
C PRO B 18 38.62 -32.84 -6.80
N ARG B 19 38.48 -33.31 -8.05
CA ARG B 19 39.01 -32.54 -9.20
C ARG B 19 38.23 -31.25 -9.43
N SER B 20 36.99 -31.15 -8.94
CA SER B 20 36.13 -29.96 -9.16
C SER B 20 35.77 -29.32 -7.81
N THR B 21 36.58 -29.54 -6.80
CA THR B 21 36.31 -29.01 -5.44
C THR B 21 37.52 -28.23 -4.97
N ALA B 22 37.29 -27.13 -4.26
CA ALA B 22 38.37 -26.38 -3.60
C ALA B 22 38.07 -26.26 -2.11
N LEU B 23 39.12 -26.25 -1.34
CA LEU B 23 39.04 -25.81 0.09
C LEU B 23 39.31 -24.33 0.14
N VAL B 24 38.47 -23.54 0.81
CA VAL B 24 38.65 -22.10 1.00
C VAL B 24 38.83 -21.86 2.48
N VAL B 25 39.99 -21.39 2.92
CA VAL B 25 40.33 -21.08 4.31
C VAL B 25 40.31 -19.58 4.46
N ILE B 26 39.36 -19.06 5.24
CA ILE B 26 39.07 -17.61 5.26
C ILE B 26 39.72 -16.95 6.48
N ASP B 27 40.61 -16.01 6.18
CA ASP B 27 41.10 -14.96 7.13
C ASP B 27 41.70 -15.52 8.42
N MET B 28 42.47 -16.61 8.32
CA MET B 28 43.12 -17.20 9.51
C MET B 28 44.41 -16.42 9.81
N GLN B 29 44.27 -15.16 10.16
CA GLN B 29 45.33 -14.18 10.27
C GLN B 29 45.59 -13.78 11.73
N ARG B 30 46.82 -13.41 12.02
CA ARG B 30 47.16 -12.89 13.38
C ARG B 30 46.26 -11.71 13.72
N ASP B 31 45.85 -10.91 12.74
CA ASP B 31 45.02 -9.72 12.99
C ASP B 31 43.71 -10.14 13.67
N PHE B 32 43.22 -11.35 13.46
CA PHE B 32 41.96 -11.83 14.08
C PHE B 32 42.20 -12.73 15.28
N ILE B 33 43.27 -13.50 15.28
CA ILE B 33 43.44 -14.64 16.23
C ILE B 33 44.38 -14.24 17.38
N GLU B 34 45.28 -13.30 17.16
CA GLU B 34 46.23 -12.85 18.22
C GLU B 34 45.78 -11.54 18.82
N GLU B 35 46.10 -11.34 20.10
CA GLU B 35 45.77 -10.07 20.82
C GLU B 35 46.50 -8.91 20.17
N GLY B 36 45.84 -7.76 20.05
CA GLY B 36 46.48 -6.51 19.65
C GLY B 36 46.33 -6.13 18.18
N GLY B 37 45.63 -6.95 17.39
CA GLY B 37 45.38 -6.58 16.00
C GLY B 37 43.97 -6.05 15.82
N PHE B 38 43.50 -6.11 14.59
CA PHE B 38 42.17 -5.60 14.20
C PHE B 38 41.06 -6.17 15.08
N GLY B 39 41.02 -7.47 15.32
CA GLY B 39 39.97 -8.04 16.17
C GLY B 39 39.93 -7.43 17.57
N SER B 40 41.11 -7.26 18.19
CA SER B 40 41.21 -6.59 19.52
C SER B 40 40.79 -5.13 19.40
N ALA B 41 41.17 -4.46 18.33
CA ALA B 41 40.91 -3.02 18.13
C ALA B 41 39.41 -2.78 18.12
N LEU B 42 38.62 -3.76 17.65
CA LEU B 42 37.13 -3.61 17.60
C LEU B 42 36.52 -3.91 18.98
N GLY B 43 37.33 -4.16 20.01
CA GLY B 43 36.85 -4.35 21.39
C GLY B 43 36.60 -5.80 21.75
N ASN B 44 37.02 -6.76 20.92
CA ASN B 44 36.76 -8.18 21.14
C ASN B 44 37.81 -8.85 22.04
N ASP B 45 37.34 -9.85 22.77
CA ASP B 45 38.23 -10.86 23.38
C ASP B 45 38.46 -11.88 22.25
N VAL B 46 39.67 -11.92 21.73
CA VAL B 46 39.94 -12.76 20.52
C VAL B 46 40.20 -14.23 20.89
N ARG B 47 40.24 -14.59 22.15
CA ARG B 47 40.70 -15.93 22.60
C ARG B 47 39.90 -17.10 22.03
N PRO B 48 38.57 -17.01 21.75
CA PRO B 48 37.84 -18.18 21.26
C PRO B 48 38.41 -18.72 19.93
N LEU B 49 39.01 -17.88 19.09
CA LEU B 49 39.35 -18.34 17.74
C LEU B 49 40.51 -19.33 17.75
N ALA B 50 41.42 -19.25 18.71
CA ALA B 50 42.62 -20.12 18.67
C ALA B 50 42.21 -21.59 18.80
N ALA B 51 41.07 -21.89 19.42
CA ALA B 51 40.65 -23.28 19.68
C ALA B 51 40.54 -24.11 18.41
N ILE B 52 40.24 -23.49 17.26
CA ILE B 52 39.99 -24.25 16.00
C ILE B 52 41.26 -24.49 15.20
N VAL B 53 42.37 -23.90 15.60
CA VAL B 53 43.56 -23.92 14.69
C VAL B 53 43.97 -25.36 14.37
N PRO B 54 44.07 -26.31 15.34
CA PRO B 54 44.41 -27.68 14.99
C PRO B 54 43.42 -28.35 14.02
N THR B 55 42.12 -28.04 14.16
CA THR B 55 41.13 -28.59 13.24
C THR B 55 41.31 -28.02 11.83
N VAL B 56 41.53 -26.71 11.72
CA VAL B 56 41.79 -26.10 10.38
C VAL B 56 43.07 -26.70 9.77
N ALA B 57 44.10 -26.91 10.60
CA ALA B 57 45.34 -27.55 10.07
C ALA B 57 45.07 -28.97 9.56
N ALA B 58 44.24 -29.74 10.27
CA ALA B 58 43.89 -31.10 9.83
C ALA B 58 43.08 -31.07 8.53
N LEU B 59 42.20 -30.10 8.38
CA LEU B 59 41.41 -29.93 7.15
C LEU B 59 42.31 -29.56 5.96
N LEU B 60 43.28 -28.66 6.18
CA LEU B 60 44.26 -28.28 5.12
C LEU B 60 45.05 -29.53 4.71
N GLN B 61 45.49 -30.34 5.66
CA GLN B 61 46.23 -31.59 5.33
C GLN B 61 45.34 -32.54 4.54
N LEU B 62 44.07 -32.68 4.89
CA LEU B 62 43.14 -33.55 4.16
C LEU B 62 43.03 -33.08 2.70
N ALA B 63 42.85 -31.77 2.48
CA ALA B 63 42.73 -31.25 1.10
C ALA B 63 44.04 -31.46 0.32
N ARG B 64 45.18 -31.25 0.96
CA ARG B 64 46.51 -31.43 0.31
C ARG B 64 46.69 -32.89 -0.08
N GLU B 65 46.31 -33.79 0.80
CA GLU B 65 46.45 -35.26 0.53
C GLU B 65 45.51 -35.67 -0.58
N ALA B 66 44.34 -35.04 -0.74
CA ALA B 66 43.36 -35.35 -1.79
C ALA B 66 43.72 -34.68 -3.13
N GLY B 67 44.72 -33.79 -3.15
CA GLY B 67 45.16 -33.06 -4.33
C GLY B 67 44.15 -32.00 -4.77
N MET B 68 43.36 -31.50 -3.84
CA MET B 68 42.36 -30.45 -4.17
C MET B 68 43.03 -29.08 -4.19
N LEU B 69 42.50 -28.18 -4.99
CA LEU B 69 42.85 -26.75 -4.94
C LEU B 69 42.56 -26.21 -3.54
N VAL B 70 43.52 -25.47 -3.00
CA VAL B 70 43.41 -24.76 -1.72
C VAL B 70 43.49 -23.28 -1.99
N VAL B 71 42.56 -22.51 -1.43
CA VAL B 71 42.45 -21.07 -1.53
C VAL B 71 42.55 -20.53 -0.12
N HIS B 72 43.40 -19.56 0.15
CA HIS B 72 43.47 -18.83 1.42
C HIS B 72 43.07 -17.41 1.16
N THR B 73 42.26 -16.82 2.02
CA THR B 73 41.94 -15.40 1.92
C THR B 73 42.56 -14.66 3.10
N ARG B 74 42.90 -13.40 2.86
CA ARG B 74 43.41 -12.48 3.89
C ARG B 74 42.63 -11.18 3.75
N GLU B 75 42.01 -10.73 4.82
CA GLU B 75 41.39 -9.40 4.81
C GLU B 75 42.56 -8.41 4.99
N SER B 76 42.70 -7.51 4.05
CA SER B 76 43.90 -6.65 4.02
C SER B 76 43.67 -5.45 3.12
N HIS B 77 44.49 -4.45 3.35
CA HIS B 77 44.48 -3.21 2.55
C HIS B 77 45.87 -2.84 2.03
N LEU B 78 45.91 -2.20 0.89
CA LEU B 78 47.16 -1.63 0.34
C LEU B 78 47.73 -0.68 1.38
N PRO B 79 49.09 -0.57 1.46
CA PRO B 79 49.68 0.34 2.44
C PRO B 79 49.23 1.81 2.34
N ASP B 80 48.90 2.28 1.16
CA ASP B 80 48.35 3.66 1.05
C ASP B 80 46.85 3.73 1.36
N LEU B 81 46.21 2.59 1.69
CA LEU B 81 44.77 2.51 2.08
C LEU B 81 43.87 2.98 0.96
N SER B 82 44.32 2.92 -0.28
CA SER B 82 43.52 3.38 -1.44
C SER B 82 42.34 2.42 -1.69
N ASP B 83 42.37 1.20 -1.16
CA ASP B 83 41.26 0.23 -1.33
C ASP B 83 40.50 0.09 -0.01
N CYS B 84 40.65 1.02 0.92
CA CYS B 84 39.95 0.97 2.21
C CYS B 84 38.91 2.06 2.17
N PRO B 85 37.59 1.71 2.04
CA PRO B 85 36.60 2.77 1.98
C PRO B 85 36.65 3.62 3.24
N ARG B 86 36.35 4.94 3.05
CA ARG B 86 36.38 5.83 4.22
C ARG B 86 35.43 5.34 5.31
N SER B 87 34.28 4.79 4.91
CA SER B 87 33.29 4.26 5.88
C SER B 87 33.92 3.23 6.83
N LYS B 88 34.70 2.32 6.25
CA LYS B 88 35.35 1.26 7.03
C LYS B 88 36.43 1.83 7.97
N ARG B 89 37.13 2.86 7.52
CA ARG B 89 38.17 3.51 8.36
C ARG B 89 37.54 4.18 9.56
N LEU B 90 36.37 4.80 9.40
CA LEU B 90 35.69 5.59 10.45
C LEU B 90 34.82 4.73 11.38
N ARG B 91 34.41 3.55 10.93
CA ARG B 91 33.36 2.81 11.66
C ARG B 91 33.80 2.47 13.08
N GLY B 92 32.95 2.71 14.07
CA GLY B 92 33.17 2.33 15.46
C GLY B 92 34.07 3.32 16.20
N ASN B 93 34.57 4.33 15.51
CA ASN B 93 35.62 5.29 16.00
C ASN B 93 36.58 4.57 16.96
N PRO B 94 37.33 3.54 16.53
CA PRO B 94 38.25 2.83 17.43
C PRO B 94 39.43 3.74 17.79
N THR B 95 40.01 3.53 18.96
CA THR B 95 41.21 4.31 19.41
C THR B 95 42.36 4.00 18.47
N LEU B 96 42.55 2.71 18.11
CA LEU B 96 43.48 2.29 17.04
C LEU B 96 42.69 1.64 15.90
N GLY B 97 42.79 2.26 14.73
CA GLY B 97 42.01 1.92 13.53
C GLY B 97 42.88 1.31 12.47
N ILE B 98 42.26 0.98 11.35
CA ILE B 98 42.98 0.41 10.18
C ILE B 98 44.15 1.34 9.84
N GLY B 99 45.34 0.76 9.69
CA GLY B 99 46.55 1.50 9.32
C GLY B 99 47.30 2.05 10.52
N ASP B 100 46.72 2.06 11.71
CA ASP B 100 47.42 2.57 12.92
C ASP B 100 48.36 1.47 13.39
N VAL B 101 49.42 1.86 14.10
CA VAL B 101 50.45 0.90 14.56
C VAL B 101 50.00 0.23 15.84
N GLY B 102 49.81 -1.08 15.78
CA GLY B 102 49.62 -1.88 16.98
C GLY B 102 50.90 -2.67 17.27
N PRO B 103 50.83 -3.62 18.23
CA PRO B 103 51.99 -4.42 18.59
C PRO B 103 52.51 -5.31 17.43
N MET B 104 51.70 -5.57 16.40
CA MET B 104 52.12 -6.40 15.24
C MET B 104 52.21 -5.57 13.97
N GLY B 105 52.36 -4.25 14.08
CA GLY B 105 52.49 -3.38 12.93
C GLY B 105 51.15 -2.71 12.57
N ARG B 106 51.10 -2.19 11.37
CA ARG B 106 49.92 -1.41 10.93
C ARG B 106 48.73 -2.37 10.79
N ILE B 107 47.64 -2.04 11.44
CA ILE B 107 46.45 -2.93 11.61
C ILE B 107 45.79 -3.11 10.23
N LEU B 108 45.60 -4.37 9.81
CA LEU B 108 44.88 -4.79 8.59
C LEU B 108 45.57 -4.30 7.31
N VAL B 109 46.90 -4.11 7.35
CA VAL B 109 47.63 -3.64 6.14
C VAL B 109 48.51 -4.75 5.57
N GLN B 110 48.45 -4.93 4.26
CA GLN B 110 49.31 -5.87 3.50
C GLN B 110 50.77 -5.68 3.90
N GLY B 111 51.47 -6.80 4.08
CA GLY B 111 52.92 -6.79 4.32
C GLY B 111 53.29 -6.70 5.78
N GLU B 112 52.36 -6.37 6.67
CA GLU B 112 52.64 -6.20 8.09
C GLU B 112 52.58 -7.55 8.80
N PRO B 113 53.39 -7.78 9.85
CA PRO B 113 53.37 -9.06 10.54
C PRO B 113 51.98 -9.48 11.06
N GLY B 114 51.23 -8.53 11.59
CA GLY B 114 49.92 -8.87 12.17
C GLY B 114 48.92 -9.23 11.09
N ASN B 115 49.17 -8.90 9.84
CA ASN B 115 48.21 -9.21 8.76
C ASN B 115 48.44 -10.60 8.20
N GLN B 116 49.52 -11.29 8.58
CA GLN B 116 49.85 -12.58 7.96
C GLN B 116 48.95 -13.70 8.48
N ILE B 117 48.75 -14.68 7.61
CA ILE B 117 48.19 -15.98 7.99
C ILE B 117 49.07 -16.62 9.05
N LEU B 118 48.45 -17.24 10.05
CA LEU B 118 49.23 -17.94 11.10
C LEU B 118 50.24 -18.85 10.42
N PRO B 119 51.48 -18.94 10.95
CA PRO B 119 52.43 -19.86 10.33
C PRO B 119 51.94 -21.32 10.31
N GLN B 120 51.21 -21.74 11.34
CA GLN B 120 50.64 -23.10 11.46
C GLN B 120 49.58 -23.40 10.39
N LEU B 121 49.14 -22.42 9.61
CA LEU B 121 48.13 -22.59 8.54
C LEU B 121 48.64 -21.96 7.24
N ALA B 122 49.95 -21.78 7.09
CA ALA B 122 50.49 -21.01 5.96
C ALA B 122 50.23 -21.75 4.64
N PRO B 123 50.11 -20.97 3.55
CA PRO B 123 50.01 -21.53 2.21
C PRO B 123 51.33 -22.22 1.83
N VAL B 124 51.19 -23.19 0.94
CA VAL B 124 52.34 -23.81 0.23
C VAL B 124 52.23 -23.53 -1.26
N GLU B 125 53.34 -23.75 -1.97
CA GLU B 125 53.40 -23.49 -3.42
C GLU B 125 52.27 -24.22 -4.15
N GLY B 126 51.54 -23.50 -4.99
CA GLY B 126 50.45 -24.08 -5.79
C GLY B 126 49.09 -23.80 -5.17
N GLU B 127 49.06 -23.16 -4.01
CA GLU B 127 47.78 -22.69 -3.42
C GLU B 127 47.50 -21.24 -3.77
N LEU B 128 46.26 -20.87 -3.94
CA LEU B 128 45.85 -19.52 -4.31
C LEU B 128 45.72 -18.71 -3.04
N VAL B 129 46.26 -17.50 -3.03
CA VAL B 129 46.20 -16.59 -1.89
C VAL B 129 45.55 -15.30 -2.33
N ILE B 130 44.40 -14.99 -1.77
CA ILE B 130 43.54 -13.85 -2.23
C ILE B 130 43.59 -12.80 -1.12
N ASP B 131 44.07 -11.60 -1.41
CA ASP B 131 43.88 -10.44 -0.51
C ASP B 131 42.57 -9.77 -0.86
N LYS B 132 41.76 -9.51 0.11
CA LYS B 132 40.46 -8.90 -0.11
C LYS B 132 40.24 -7.69 0.80
N PRO B 133 39.62 -6.62 0.25
CA PRO B 133 39.38 -5.44 1.08
C PRO B 133 38.08 -5.42 1.86
N GLY B 134 37.25 -6.41 1.63
CA GLY B 134 35.96 -6.53 2.31
C GLY B 134 35.88 -7.84 3.06
N LYS B 135 34.72 -8.12 3.58
CA LYS B 135 34.48 -9.36 4.33
C LYS B 135 34.20 -10.49 3.35
N GLY B 136 33.56 -10.22 2.22
CA GLY B 136 33.29 -11.27 1.23
C GLY B 136 34.50 -11.59 0.38
N ALA B 137 34.81 -12.85 0.19
CA ALA B 137 35.96 -13.32 -0.61
C ALA B 137 35.78 -13.00 -2.08
N PHE B 138 34.60 -12.72 -2.59
CA PHE B 138 34.37 -12.51 -4.04
C PHE B 138 34.40 -11.04 -4.40
N TYR B 139 34.23 -10.14 -3.46
CA TYR B 139 34.16 -8.69 -3.78
C TYR B 139 35.57 -8.15 -4.03
N ALA B 140 35.74 -7.55 -5.20
CA ALA B 140 36.99 -6.86 -5.58
C ALA B 140 38.17 -7.84 -5.60
N THR B 141 37.90 -9.10 -5.88
CA THR B 141 38.94 -10.14 -6.05
C THR B 141 38.71 -10.85 -7.38
N ASP B 142 39.70 -11.63 -7.78
CA ASP B 142 39.51 -12.47 -8.97
C ASP B 142 39.12 -13.90 -8.59
N LEU B 143 38.57 -14.13 -7.39
CA LEU B 143 38.32 -15.51 -6.96
C LEU B 143 37.37 -16.23 -7.93
N HIS B 144 36.23 -15.65 -8.30
CA HIS B 144 35.24 -16.32 -9.14
C HIS B 144 35.93 -16.72 -10.46
N ALA B 145 36.68 -15.79 -11.07
CA ALA B 145 37.35 -16.09 -12.36
C ALA B 145 38.37 -17.21 -12.18
N GLN B 146 39.14 -17.21 -11.10
CA GLN B 146 40.17 -18.23 -10.82
C GLN B 146 39.50 -19.59 -10.67
N LEU B 147 38.35 -19.66 -9.97
CA LEU B 147 37.64 -20.94 -9.77
C LEU B 147 37.01 -21.40 -11.09
N GLN B 148 36.41 -20.48 -11.87
CA GLN B 148 35.77 -20.85 -13.17
C GLN B 148 36.84 -21.37 -14.14
N GLU B 149 38.03 -20.79 -14.13
CA GLU B 149 39.13 -21.23 -15.05
C GLU B 149 39.47 -22.69 -14.72
N ARG B 150 39.39 -23.10 -13.44
CA ARG B 150 39.71 -24.47 -12.99
C ARG B 150 38.48 -25.38 -12.96
N ARG B 151 37.32 -24.92 -13.42
CA ARG B 151 36.06 -25.73 -13.49
C ARG B 151 35.70 -26.22 -12.08
N ILE B 152 35.87 -25.36 -11.08
CA ILE B 152 35.47 -25.70 -9.69
C ILE B 152 33.98 -25.42 -9.51
N THR B 153 33.27 -26.38 -8.95
CA THR B 153 31.82 -26.30 -8.74
C THR B 153 31.50 -26.38 -7.24
N HIS B 154 32.36 -26.95 -6.44
CA HIS B 154 32.08 -27.30 -5.04
C HIS B 154 33.16 -26.62 -4.19
N LEU B 155 32.78 -26.09 -3.03
CA LEU B 155 33.72 -25.46 -2.07
C LEU B 155 33.52 -26.05 -0.68
N LEU B 156 34.61 -26.41 -0.04
CA LEU B 156 34.67 -26.72 1.39
C LEU B 156 35.13 -25.44 2.06
N VAL B 157 34.50 -25.01 3.12
CA VAL B 157 34.70 -23.63 3.67
C VAL B 157 35.08 -23.75 5.14
N ALA B 158 36.08 -22.97 5.57
CA ALA B 158 36.53 -22.90 6.95
C ALA B 158 37.04 -21.49 7.20
N GLY B 159 37.15 -21.11 8.47
CA GLY B 159 37.90 -19.91 8.88
C GLY B 159 37.16 -19.04 9.83
N VAL B 160 37.53 -17.78 9.87
CA VAL B 160 36.98 -16.84 10.89
C VAL B 160 36.62 -15.53 10.22
N THR B 161 35.71 -14.76 10.84
CA THR B 161 34.80 -15.25 11.87
C THR B 161 33.50 -15.75 11.21
N THR B 162 32.82 -16.68 11.90
CA THR B 162 31.71 -17.43 11.31
C THR B 162 30.65 -16.47 10.76
N GLU B 163 30.27 -15.46 11.56
CA GLU B 163 29.14 -14.60 11.18
C GLU B 163 29.58 -13.43 10.30
N VAL B 164 30.85 -13.18 10.09
CA VAL B 164 31.31 -12.04 9.28
C VAL B 164 31.88 -12.59 7.95
N SER B 165 33.18 -12.85 7.85
CA SER B 165 33.77 -13.19 6.54
C SER B 165 33.29 -14.57 6.10
N VAL B 166 33.12 -15.53 6.99
CA VAL B 166 32.72 -16.90 6.54
C VAL B 166 31.31 -16.84 5.94
N GLN B 167 30.34 -16.35 6.67
CA GLN B 167 28.97 -16.33 6.12
C GLN B 167 28.88 -15.40 4.93
N THR B 168 29.58 -14.28 4.91
CA THR B 168 29.49 -13.36 3.74
C THR B 168 30.02 -14.09 2.51
N SER B 169 31.14 -14.77 2.63
CA SER B 169 31.77 -15.48 1.48
C SER B 169 30.91 -16.65 1.04
N MET B 170 30.32 -17.39 1.97
N MET B 170 30.30 -17.39 1.97
CA MET B 170 29.44 -18.54 1.63
CA MET B 170 29.39 -18.53 1.66
C MET B 170 28.16 -18.03 0.93
C MET B 170 28.15 -18.02 0.92
N ARG B 171 27.56 -16.95 1.40
CA ARG B 171 26.38 -16.37 0.72
C ARG B 171 26.75 -15.90 -0.69
N GLU B 172 27.90 -15.28 -0.86
CA GLU B 172 28.35 -14.84 -2.20
C GLU B 172 28.54 -16.07 -3.07
N ALA B 173 29.20 -17.11 -2.58
CA ALA B 173 29.46 -18.32 -3.37
C ALA B 173 28.16 -18.97 -3.79
N ASN B 174 27.22 -19.08 -2.86
CA ASN B 174 25.90 -19.67 -3.16
C ASN B 174 25.21 -18.89 -4.29
N ASP B 175 25.25 -17.57 -4.24
CA ASP B 175 24.58 -16.76 -5.32
C ASP B 175 25.22 -17.07 -6.68
N ARG B 176 26.53 -17.32 -6.71
CA ARG B 176 27.31 -17.58 -7.94
C ARG B 176 27.20 -19.05 -8.37
N GLY B 177 26.46 -19.90 -7.68
CA GLY B 177 26.15 -21.24 -8.17
C GLY B 177 27.06 -22.31 -7.65
N TYR B 178 27.90 -22.03 -6.68
CA TYR B 178 28.74 -23.06 -6.04
C TYR B 178 27.93 -23.87 -5.02
N GLU B 179 28.30 -25.12 -4.81
CA GLU B 179 27.77 -25.99 -3.77
C GLU B 179 28.74 -25.99 -2.61
N CYS B 180 28.36 -25.43 -1.48
CA CYS B 180 29.31 -25.14 -0.39
C CYS B 180 29.02 -25.95 0.87
N LEU B 181 30.04 -26.57 1.42
CA LEU B 181 30.00 -27.31 2.67
C LEU B 181 30.89 -26.58 3.67
N VAL B 182 30.31 -26.03 4.72
CA VAL B 182 31.07 -25.42 5.80
C VAL B 182 31.44 -26.46 6.86
N ILE B 183 32.70 -26.52 7.23
CA ILE B 183 33.21 -27.46 8.23
C ILE B 183 33.03 -26.78 9.59
N GLU B 184 32.05 -27.25 10.37
CA GLU B 184 31.50 -26.48 11.52
C GLU B 184 32.51 -26.24 12.63
N ASP B 185 33.39 -27.22 12.89
CA ASP B 185 34.40 -27.10 13.95
C ASP B 185 35.71 -26.54 13.41
N ALA B 186 35.70 -26.10 12.14
CA ALA B 186 36.84 -25.37 11.53
C ALA B 186 36.46 -23.93 11.28
N CYS B 187 35.45 -23.44 12.00
N CYS B 187 35.42 -23.43 11.96
CA CYS B 187 35.03 -22.02 12.00
CA CYS B 187 35.13 -21.97 11.99
C CYS B 187 34.87 -21.57 13.43
C CYS B 187 34.86 -21.57 13.43
N ALA B 188 35.00 -20.29 13.69
CA ALA B 188 34.77 -19.75 15.02
C ALA B 188 34.44 -18.28 14.95
N SER B 189 33.85 -17.78 16.02
CA SER B 189 33.43 -16.39 16.19
C SER B 189 33.92 -15.86 17.53
N TYR B 190 33.97 -14.54 17.65
CA TYR B 190 34.14 -13.89 18.97
C TYR B 190 32.90 -14.11 19.81
N PHE B 191 31.76 -14.44 19.24
CA PHE B 191 30.46 -14.54 19.95
C PHE B 191 29.92 -15.94 19.74
N PRO B 192 29.90 -16.83 20.73
CA PRO B 192 29.46 -18.21 20.49
C PRO B 192 28.02 -18.32 19.99
N ASP B 193 27.14 -17.43 20.43
CA ASP B 193 25.73 -17.46 19.95
C ASP B 193 25.69 -17.12 18.45
N PHE B 194 26.53 -16.19 18.01
CA PHE B 194 26.51 -15.81 16.57
C PHE B 194 27.08 -16.96 15.73
N HIS B 195 28.05 -17.70 16.23
CA HIS B 195 28.59 -18.90 15.55
C HIS B 195 27.46 -19.91 15.36
N ARG B 196 26.82 -20.29 16.46
CA ARG B 196 25.82 -21.37 16.43
C ARG B 196 24.67 -20.96 15.51
N ILE B 197 24.12 -19.78 15.69
CA ILE B 197 22.93 -19.37 14.90
C ILE B 197 23.29 -19.20 13.42
N THR B 198 24.49 -18.73 13.12
CA THR B 198 24.87 -18.54 11.71
C THR B 198 24.89 -19.91 11.04
N LEU B 199 25.48 -20.91 11.68
CA LEU B 199 25.49 -22.27 11.07
C LEU B 199 24.06 -22.75 10.83
N GLU B 200 23.16 -22.50 11.81
CA GLU B 200 21.77 -22.93 11.64
C GLU B 200 21.10 -22.20 10.48
N MET B 201 21.32 -20.89 10.34
CA MET B 201 20.61 -20.18 9.27
C MET B 201 21.19 -20.57 7.89
N LEU B 202 22.47 -20.90 7.78
CA LEU B 202 23.07 -21.20 6.47
C LEU B 202 22.41 -22.45 5.89
N THR B 203 21.99 -23.38 6.76
CA THR B 203 21.52 -24.69 6.30
C THR B 203 20.02 -24.84 6.47
N ALA B 204 19.33 -23.83 6.95
CA ALA B 204 17.87 -23.84 7.14
C ALA B 204 17.16 -23.95 5.80
N GLN B 205 15.85 -24.27 5.83
CA GLN B 205 14.99 -24.22 4.64
C GLN B 205 15.52 -25.17 3.57
N GLY B 206 16.03 -26.31 3.97
CA GLY B 206 16.56 -27.32 3.03
C GLY B 206 17.88 -26.90 2.41
N GLY B 207 18.73 -26.20 3.14
CA GLY B 207 20.07 -25.88 2.64
C GLY B 207 20.12 -24.59 1.88
N ILE B 208 19.42 -23.55 2.31
CA ILE B 208 19.21 -22.36 1.47
C ILE B 208 20.57 -21.78 1.08
N VAL B 209 21.56 -21.75 1.95
CA VAL B 209 22.90 -21.25 1.51
C VAL B 209 23.82 -22.44 1.22
N GLY B 210 23.74 -23.52 1.98
CA GLY B 210 24.55 -24.70 1.71
C GLY B 210 24.42 -25.71 2.80
N TRP B 211 25.50 -26.42 3.03
CA TRP B 211 25.58 -27.59 3.90
C TRP B 211 26.56 -27.33 5.03
N ARG B 212 26.48 -28.10 6.11
CA ARG B 212 27.46 -28.08 7.19
C ARG B 212 27.70 -29.47 7.75
N THR B 213 28.89 -29.73 8.21
CA THR B 213 29.22 -31.02 8.85
C THR B 213 30.49 -30.82 9.65
N PRO B 214 30.74 -31.59 10.71
CA PRO B 214 32.03 -31.57 11.38
C PRO B 214 33.14 -32.23 10.58
N LEU B 215 34.38 -31.88 10.92
CA LEU B 215 35.54 -32.46 10.20
C LEU B 215 35.52 -34.01 10.21
N ALA B 216 35.08 -34.59 11.33
CA ALA B 216 35.10 -36.07 11.43
C ALA B 216 34.28 -36.70 10.30
N GLN B 217 33.15 -36.10 9.91
CA GLN B 217 32.32 -36.65 8.82
C GLN B 217 33.01 -36.53 7.48
N LEU B 218 33.76 -35.43 7.25
CA LEU B 218 34.54 -35.30 6.01
C LEU B 218 35.65 -36.34 5.99
N GLN B 219 36.36 -36.50 7.12
CA GLN B 219 37.46 -37.49 7.23
C GLN B 219 36.91 -38.88 6.93
N ALA B 220 35.71 -39.18 7.40
CA ALA B 220 35.10 -40.52 7.20
C ALA B 220 34.87 -40.75 5.70
N GLY B 221 34.53 -39.71 4.94
CA GLY B 221 34.22 -39.85 3.51
C GLY B 221 35.44 -40.05 2.64
N VAL B 222 36.62 -39.60 3.05
CA VAL B 222 37.87 -39.74 2.25
C VAL B 222 38.71 -40.93 2.77
N ALA B 223 38.33 -41.57 3.88
CA ALA B 223 39.02 -42.76 4.45
C ALA B 223 38.66 -44.02 3.65
N MET C 4 -9.29 1.25 -26.33
CA MET C 4 -10.67 1.10 -25.73
C MET C 4 -10.73 -0.17 -24.90
N ILE C 5 -11.30 -0.09 -23.70
CA ILE C 5 -11.38 -1.24 -22.76
C ILE C 5 -12.86 -1.48 -22.50
N ARG C 6 -13.33 -2.72 -22.59
CA ARG C 6 -14.72 -3.08 -22.27
C ARG C 6 -14.70 -4.08 -21.12
N ILE C 7 -15.41 -3.77 -20.03
CA ILE C 7 -15.42 -4.48 -18.74
C ILE C 7 -16.80 -5.15 -18.55
N ASP C 8 -16.86 -6.39 -18.12
CA ASP C 8 -18.11 -7.02 -17.64
C ASP C 8 -18.54 -6.26 -16.40
N ALA C 9 -19.73 -5.71 -16.38
CA ALA C 9 -20.23 -4.91 -15.24
C ALA C 9 -21.73 -5.11 -15.13
N THR C 10 -22.28 -4.62 -14.03
CA THR C 10 -23.72 -4.56 -13.76
C THR C 10 -24.07 -3.11 -13.98
N PRO C 11 -25.11 -2.71 -14.73
CA PRO C 11 -26.11 -3.63 -15.29
C PRO C 11 -25.82 -4.15 -16.69
N TYR C 12 -24.80 -3.65 -17.35
CA TYR C 12 -24.36 -4.13 -18.68
C TYR C 12 -22.93 -3.67 -18.83
N PRO C 13 -22.17 -4.12 -19.85
CA PRO C 13 -20.76 -3.80 -19.89
C PRO C 13 -20.44 -2.32 -19.93
N TYR C 14 -19.30 -1.99 -19.32
CA TYR C 14 -18.76 -0.62 -19.18
C TYR C 14 -17.55 -0.47 -20.11
N GLN C 15 -17.53 0.55 -20.91
CA GLN C 15 -16.42 0.84 -21.85
C GLN C 15 -15.76 2.16 -21.46
N PHE C 16 -14.43 2.21 -21.51
CA PHE C 16 -13.69 3.44 -21.22
C PHE C 16 -12.38 3.40 -22.00
N HIS C 17 -11.82 4.56 -22.13
CA HIS C 17 -10.47 4.77 -22.72
C HIS C 17 -9.57 5.35 -21.66
N PRO C 18 -8.39 4.75 -21.39
CA PRO C 18 -7.50 5.31 -20.37
C PRO C 18 -7.21 6.82 -20.50
N ARG C 19 -7.12 7.36 -21.72
CA ARG C 19 -6.74 8.77 -21.90
C ARG C 19 -7.84 9.72 -21.37
N SER C 20 -9.09 9.26 -21.23
CA SER C 20 -10.21 10.12 -20.80
C SER C 20 -10.83 9.54 -19.52
N THR C 21 -10.08 8.77 -18.78
CA THR C 21 -10.61 8.10 -17.55
C THR C 21 -9.75 8.47 -16.37
N ALA C 22 -10.35 8.72 -15.22
CA ALA C 22 -9.64 8.96 -13.95
C ALA C 22 -10.08 7.93 -12.93
N LEU C 23 -9.18 7.54 -12.07
CA LEU C 23 -9.52 6.83 -10.82
C LEU C 23 -9.71 7.84 -9.71
N VAL C 24 -10.83 7.75 -8.98
CA VAL C 24 -11.10 8.60 -7.80
C VAL C 24 -11.12 7.70 -6.58
N VAL C 25 -10.18 7.92 -5.65
CA VAL C 25 -10.09 7.16 -4.39
C VAL C 25 -10.58 8.06 -3.27
N ILE C 26 -11.68 7.71 -2.67
CA ILE C 26 -12.43 8.59 -1.75
C ILE C 26 -12.12 8.26 -0.29
N ASP C 27 -11.52 9.24 0.40
CA ASP C 27 -11.49 9.33 1.86
C ASP C 27 -10.85 8.12 2.55
N MET C 28 -9.78 7.58 2.00
CA MET C 28 -9.09 6.42 2.59
C MET C 28 -8.14 6.89 3.69
N GLN C 29 -8.72 7.46 4.74
CA GLN C 29 -7.99 8.21 5.78
C GLN C 29 -8.03 7.47 7.10
N ARG C 30 -7.01 7.73 7.95
CA ARG C 30 -7.00 7.15 9.32
C ARG C 30 -8.28 7.58 10.08
N ASP C 31 -8.79 8.78 9.81
CA ASP C 31 -10.01 9.30 10.49
C ASP C 31 -11.18 8.34 10.31
N PHE C 32 -11.24 7.61 9.19
CA PHE C 32 -12.33 6.62 8.96
C PHE C 32 -11.94 5.18 9.24
N ILE C 33 -10.66 4.82 9.07
CA ILE C 33 -10.25 3.39 9.00
C ILE C 33 -9.58 2.97 10.31
N GLU C 34 -9.04 3.89 11.06
CA GLU C 34 -8.34 3.59 12.34
C GLU C 34 -9.22 3.95 13.52
N GLU C 35 -9.09 3.19 14.61
CA GLU C 35 -9.85 3.46 15.86
C GLU C 35 -9.43 4.81 16.43
N GLY C 36 -10.40 5.58 16.95
CA GLY C 36 -10.12 6.82 17.68
C GLY C 36 -10.26 8.09 16.87
N GLY C 37 -10.62 8.01 15.59
CA GLY C 37 -10.83 9.21 14.77
C GLY C 37 -12.31 9.55 14.64
N PHE C 38 -12.62 10.32 13.61
CA PHE C 38 -13.99 10.78 13.33
C PHE C 38 -14.98 9.61 13.27
N GLY C 39 -14.68 8.55 12.52
CA GLY C 39 -15.56 7.39 12.42
C GLY C 39 -15.91 6.80 13.78
N SER C 40 -14.90 6.62 14.65
CA SER C 40 -15.13 6.13 16.03
C SER C 40 -15.96 7.12 16.83
N ALA C 41 -15.70 8.39 16.67
CA ALA C 41 -16.38 9.48 17.42
C ALA C 41 -17.89 9.42 17.13
N LEU C 42 -18.29 9.00 15.93
CA LEU C 42 -19.73 8.93 15.54
C LEU C 42 -20.35 7.63 16.08
N GLY C 43 -19.61 6.81 16.83
CA GLY C 43 -20.14 5.60 17.49
C GLY C 43 -20.00 4.34 16.68
N ASN C 44 -19.22 4.37 15.61
CA ASN C 44 -19.08 3.19 14.72
C ASN C 44 -17.93 2.28 15.15
N ASP C 45 -18.09 1.00 14.88
CA ASP C 45 -16.99 0.01 14.87
C ASP C 45 -16.29 0.17 13.52
N VAL C 46 -15.10 0.77 13.48
CA VAL C 46 -14.48 1.11 12.16
C VAL C 46 -13.77 -0.11 11.53
N ARG C 47 -13.67 -1.25 12.23
CA ARG C 47 -12.76 -2.34 11.80
C ARG C 47 -13.10 -2.93 10.43
N PRO C 48 -14.37 -3.01 9.98
CA PRO C 48 -14.67 -3.53 8.64
C PRO C 48 -13.93 -2.81 7.50
N LEU C 49 -13.61 -1.54 7.63
CA LEU C 49 -13.05 -0.79 6.47
C LEU C 49 -11.65 -1.29 6.09
N ALA C 50 -10.85 -1.74 7.04
CA ALA C 50 -9.45 -2.11 6.75
C ALA C 50 -9.38 -3.28 5.77
N ALA C 51 -10.41 -4.11 5.70
CA ALA C 51 -10.41 -5.32 4.84
C ALA C 51 -10.16 -4.97 3.36
N ILE C 52 -10.57 -3.78 2.91
CA ILE C 52 -10.49 -3.44 1.46
C ILE C 52 -9.14 -2.84 1.07
N VAL C 53 -8.26 -2.53 2.03
CA VAL C 53 -7.05 -1.75 1.69
C VAL C 53 -6.21 -2.47 0.62
N PRO C 54 -5.95 -3.80 0.67
CA PRO C 54 -5.18 -4.41 -0.41
C PRO C 54 -5.84 -4.30 -1.80
N THR C 55 -7.18 -4.38 -1.83
CA THR C 55 -7.93 -4.28 -3.09
C THR C 55 -7.81 -2.85 -3.64
N VAL C 56 -7.97 -1.83 -2.75
CA VAL C 56 -7.81 -0.45 -3.23
C VAL C 56 -6.39 -0.23 -3.72
N ALA C 57 -5.39 -0.81 -3.06
CA ALA C 57 -3.99 -0.68 -3.49
C ALA C 57 -3.77 -1.30 -4.87
N ALA C 58 -4.40 -2.43 -5.10
CA ALA C 58 -4.31 -3.08 -6.43
C ALA C 58 -4.97 -2.22 -7.51
N LEU C 59 -6.10 -1.59 -7.19
CA LEU C 59 -6.75 -0.66 -8.14
C LEU C 59 -5.88 0.57 -8.43
N LEU C 60 -5.26 1.13 -7.39
CA LEU C 60 -4.36 2.30 -7.54
C LEU C 60 -3.18 1.90 -8.46
N GLN C 61 -2.59 0.73 -8.21
CA GLN C 61 -1.46 0.26 -9.07
C GLN C 61 -1.95 0.07 -10.50
N LEU C 62 -3.14 -0.48 -10.73
CA LEU C 62 -3.68 -0.67 -12.11
C LEU C 62 -3.80 0.68 -12.81
N ALA C 63 -4.35 1.70 -12.14
CA ALA C 63 -4.50 3.02 -12.75
C ALA C 63 -3.14 3.65 -13.06
N ARG C 64 -2.20 3.54 -12.13
CA ARG C 64 -0.84 4.13 -12.29
C ARG C 64 -0.14 3.45 -13.47
N GLU C 65 -0.27 2.13 -13.57
CA GLU C 65 0.40 1.37 -14.65
C GLU C 65 -0.26 1.69 -16.00
N ALA C 66 -1.55 2.03 -16.05
CA ALA C 66 -2.26 2.42 -17.29
C ALA C 66 -2.04 3.88 -17.66
N GLY C 67 -1.40 4.65 -16.78
CA GLY C 67 -1.11 6.08 -16.99
C GLY C 67 -2.34 6.94 -16.89
N MET C 68 -3.34 6.48 -16.14
CA MET C 68 -4.59 7.25 -15.95
C MET C 68 -4.37 8.29 -14.85
N LEU C 69 -5.09 9.39 -14.95
CA LEU C 69 -5.18 10.38 -13.85
C LEU C 69 -5.72 9.69 -12.58
N VAL C 70 -5.07 9.97 -11.47
CA VAL C 70 -5.49 9.49 -10.14
C VAL C 70 -5.84 10.71 -9.30
N VAL C 71 -7.02 10.68 -8.71
CA VAL C 71 -7.57 11.73 -7.83
C VAL C 71 -7.78 11.08 -6.46
N HIS C 72 -7.29 11.67 -5.41
CA HIS C 72 -7.57 11.23 -4.03
C HIS C 72 -8.37 12.32 -3.34
N THR C 73 -9.37 11.96 -2.62
CA THR C 73 -10.10 12.93 -1.77
C THR C 73 -9.85 12.66 -0.30
N ARG C 74 -9.86 13.74 0.49
CA ARG C 74 -9.80 13.67 1.96
C ARG C 74 -10.93 14.53 2.50
N GLU C 75 -11.77 14.00 3.36
CA GLU C 75 -12.75 14.84 4.10
C GLU C 75 -11.93 15.54 5.19
N SER C 76 -12.02 16.87 5.19
CA SER C 76 -11.13 17.64 6.08
C SER C 76 -11.63 19.06 6.19
N HIS C 77 -11.19 19.69 7.29
CA HIS C 77 -11.49 21.12 7.55
C HIS C 77 -10.21 21.91 7.80
N LEU C 78 -10.26 23.16 7.41
CA LEU C 78 -9.19 24.14 7.79
C LEU C 78 -9.03 24.14 9.29
N PRO C 79 -7.79 24.35 9.80
CA PRO C 79 -7.56 24.33 11.25
C PRO C 79 -8.40 25.37 12.02
N ASP C 80 -8.80 26.44 11.39
CA ASP C 80 -9.69 27.44 12.05
C ASP C 80 -11.16 27.03 11.93
N LEU C 81 -11.48 25.92 11.26
CA LEU C 81 -12.86 25.37 11.03
C LEU C 81 -13.73 26.39 10.31
N SER C 82 -13.18 27.30 9.54
CA SER C 82 -13.98 28.33 8.82
C SER C 82 -14.79 27.70 7.67
N ASP C 83 -14.45 26.47 7.24
CA ASP C 83 -15.21 25.78 6.16
C ASP C 83 -16.01 24.63 6.79
N CYS C 84 -16.20 24.63 8.10
CA CYS C 84 -17.00 23.60 8.80
C CYS C 84 -18.31 24.26 9.20
N PRO C 85 -19.43 23.97 8.51
CA PRO C 85 -20.68 24.60 8.90
C PRO C 85 -21.04 24.29 10.34
N ARG C 86 -21.69 25.26 10.99
CA ARG C 86 -22.12 25.06 12.39
C ARG C 86 -23.01 23.81 12.49
N SER C 87 -23.88 23.58 11.50
CA SER C 87 -24.78 22.40 11.47
C SER C 87 -23.96 21.10 11.63
N LYS C 88 -22.87 21.03 10.88
CA LYS C 88 -22.00 19.81 10.89
C LYS C 88 -21.32 19.64 12.24
N ARG C 89 -20.88 20.75 12.84
CA ARG C 89 -20.17 20.67 14.12
C ARG C 89 -21.12 20.19 15.22
N LEU C 90 -22.39 20.63 15.19
CA LEU C 90 -23.34 20.36 16.28
C LEU C 90 -24.14 19.08 16.07
N ARG C 91 -24.09 18.48 14.89
CA ARG C 91 -24.95 17.30 14.60
C ARG C 91 -24.63 16.16 15.55
N GLY C 92 -25.65 15.53 16.14
CA GLY C 92 -25.55 14.27 16.91
C GLY C 92 -24.93 14.47 18.31
N ASN C 93 -24.45 13.36 18.86
CA ASN C 93 -23.85 13.22 20.22
C ASN C 93 -22.52 12.46 20.10
N PRO C 94 -21.51 13.00 19.36
CA PRO C 94 -20.25 12.27 19.19
C PRO C 94 -19.44 12.26 20.50
N THR C 95 -18.56 11.29 20.67
CA THR C 95 -17.67 11.19 21.87
C THR C 95 -16.79 12.46 21.96
N LEU C 96 -16.16 12.80 20.84
CA LEU C 96 -15.41 14.04 20.57
C LEU C 96 -16.04 14.59 19.30
N GLY C 97 -16.02 15.89 19.07
CA GLY C 97 -16.52 16.51 17.84
C GLY C 97 -15.40 16.90 16.89
N ILE C 98 -15.78 17.39 15.73
CA ILE C 98 -14.81 17.93 14.74
C ILE C 98 -13.94 18.98 15.42
N GLY C 99 -12.63 18.87 15.26
CA GLY C 99 -11.67 19.84 15.85
C GLY C 99 -11.25 19.47 17.26
N ASP C 100 -11.94 18.58 17.95
CA ASP C 100 -11.54 18.15 19.32
C ASP C 100 -10.34 17.20 19.20
N VAL C 101 -9.51 17.14 20.24
CA VAL C 101 -8.26 16.36 20.19
C VAL C 101 -8.57 14.91 20.54
N GLY C 102 -8.38 13.99 19.60
CA GLY C 102 -8.39 12.55 19.92
C GLY C 102 -6.98 11.99 19.91
N PRO C 103 -6.85 10.65 19.95
CA PRO C 103 -5.52 10.02 19.99
C PRO C 103 -4.65 10.27 18.75
N MET C 104 -5.25 10.70 17.62
CA MET C 104 -4.49 10.99 16.37
C MET C 104 -4.53 12.48 16.04
N GLY C 105 -4.84 13.32 17.04
CA GLY C 105 -4.88 14.75 16.81
C GLY C 105 -6.30 15.25 16.67
N ARG C 106 -6.43 16.44 16.14
CA ARG C 106 -7.75 17.10 16.04
C ARG C 106 -8.56 16.34 14.98
N ILE C 107 -9.76 15.95 15.37
CA ILE C 107 -10.67 15.11 14.54
C ILE C 107 -11.06 15.87 13.28
N LEU C 108 -10.80 15.28 12.09
CA LEU C 108 -11.21 15.79 10.76
C LEU C 108 -10.57 17.10 10.38
N VAL C 109 -9.36 17.39 10.93
CA VAL C 109 -8.69 18.66 10.60
C VAL C 109 -7.47 18.42 9.70
N GLN C 110 -7.36 19.24 8.68
CA GLN C 110 -6.16 19.25 7.78
C GLN C 110 -4.87 19.34 8.59
N GLY C 111 -3.89 18.55 8.20
CA GLY C 111 -2.52 18.59 8.77
C GLY C 111 -2.37 17.65 9.96
N GLU C 112 -3.44 17.09 10.52
CA GLU C 112 -3.35 16.23 11.70
C GLU C 112 -3.03 14.80 11.27
N PRO C 113 -2.31 14.02 12.09
CA PRO C 113 -1.99 12.63 11.72
C PRO C 113 -3.23 11.80 11.38
N GLY C 114 -4.30 11.96 12.16
CA GLY C 114 -5.51 11.14 11.97
C GLY C 114 -6.22 11.48 10.69
N ASN C 115 -5.93 12.61 10.05
CA ASN C 115 -6.64 13.06 8.85
C ASN C 115 -5.96 12.51 7.59
N GLN C 116 -4.79 11.89 7.74
CA GLN C 116 -3.98 11.53 6.55
C GLN C 116 -4.50 10.24 5.91
N ILE C 117 -4.29 10.21 4.61
CA ILE C 117 -4.49 8.98 3.79
C ILE C 117 -3.53 7.88 4.29
N LEU C 118 -3.99 6.66 4.39
CA LEU C 118 -3.15 5.51 4.79
C LEU C 118 -1.90 5.46 3.91
N PRO C 119 -0.71 5.17 4.49
CA PRO C 119 0.48 5.08 3.65
C PRO C 119 0.41 4.05 2.51
N GLN C 120 -0.31 2.98 2.73
CA GLN C 120 -0.48 1.91 1.70
C GLN C 120 -1.21 2.45 0.45
N LEU C 121 -1.87 3.61 0.55
CA LEU C 121 -2.69 4.22 -0.52
C LEU C 121 -2.26 5.65 -0.79
N ALA C 122 -1.05 6.03 -0.37
CA ALA C 122 -0.68 7.45 -0.34
C ALA C 122 -0.59 8.00 -1.75
N PRO C 123 -0.96 9.26 -1.96
CA PRO C 123 -0.73 9.95 -3.21
C PRO C 123 0.77 10.07 -3.48
N VAL C 124 1.08 10.11 -4.76
CA VAL C 124 2.46 10.39 -5.23
C VAL C 124 2.39 11.62 -6.14
N GLU C 125 3.53 12.22 -6.41
CA GLU C 125 3.56 13.41 -7.29
C GLU C 125 2.92 13.12 -8.64
N GLY C 126 2.15 14.07 -9.15
CA GLY C 126 1.42 13.95 -10.41
C GLY C 126 -0.05 13.59 -10.20
N GLU C 127 -0.45 13.31 -8.96
CA GLU C 127 -1.85 12.93 -8.68
C GLU C 127 -2.56 14.12 -8.07
N LEU C 128 -3.87 14.20 -8.27
CA LEU C 128 -4.63 15.31 -7.66
C LEU C 128 -5.05 14.88 -6.26
N VAL C 129 -4.95 15.78 -5.30
CA VAL C 129 -5.39 15.54 -3.92
C VAL C 129 -6.36 16.64 -3.56
N ILE C 130 -7.61 16.26 -3.32
CA ILE C 130 -8.74 17.21 -3.10
C ILE C 130 -9.08 17.14 -1.62
N ASP C 131 -8.97 18.23 -0.87
CA ASP C 131 -9.55 18.32 0.48
C ASP C 131 -10.97 18.85 0.32
N LYS C 132 -11.91 18.16 0.93
CA LYS C 132 -13.32 18.53 0.76
C LYS C 132 -13.99 18.66 2.12
N PRO C 133 -14.81 19.73 2.27
CA PRO C 133 -15.47 19.95 3.55
C PRO C 133 -16.82 19.26 3.72
N GLY C 134 -17.27 18.62 2.65
CA GLY C 134 -18.52 17.86 2.66
C GLY C 134 -18.27 16.41 2.31
N LYS C 135 -19.35 15.67 2.15
CA LYS C 135 -19.25 14.27 1.78
C LYS C 135 -19.02 14.16 0.28
N GLY C 136 -19.63 15.02 -0.53
CA GLY C 136 -19.50 15.00 -1.97
C GLY C 136 -18.18 15.56 -2.44
N ALA C 137 -17.48 14.86 -3.33
CA ALA C 137 -16.18 15.32 -3.86
C ALA C 137 -16.30 16.59 -4.71
N PHE C 138 -17.49 16.96 -5.20
CA PHE C 138 -17.64 18.11 -6.11
C PHE C 138 -17.97 19.39 -5.35
N TYR C 139 -18.49 19.31 -4.15
CA TYR C 139 -18.93 20.51 -3.41
C TYR C 139 -17.73 21.25 -2.83
N ALA C 140 -17.62 22.54 -3.20
CA ALA C 140 -16.62 23.45 -2.61
C ALA C 140 -15.20 22.96 -2.93
N THR C 141 -15.08 22.26 -4.05
CA THR C 141 -13.76 21.79 -4.55
C THR C 141 -13.63 22.28 -5.99
N ASP C 142 -12.43 22.15 -6.51
CA ASP C 142 -12.25 22.46 -7.96
C ASP C 142 -12.25 21.17 -8.76
N LEU C 143 -12.84 20.08 -8.25
CA LEU C 143 -12.70 18.79 -8.95
C LEU C 143 -13.30 18.86 -10.35
N HIS C 144 -14.50 19.34 -10.55
CA HIS C 144 -15.14 19.34 -11.87
C HIS C 144 -14.25 20.13 -12.86
N ALA C 145 -13.78 21.29 -12.46
CA ALA C 145 -12.94 22.14 -13.33
C ALA C 145 -11.64 21.39 -13.65
N GLN C 146 -11.03 20.73 -12.67
CA GLN C 146 -9.76 19.99 -12.86
C GLN C 146 -9.98 18.82 -13.80
N LEU C 147 -11.10 18.10 -13.69
CA LEU C 147 -11.38 16.97 -14.60
C LEU C 147 -11.70 17.49 -16.00
N GLN C 148 -12.42 18.60 -16.13
CA GLN C 148 -12.73 19.16 -17.47
C GLN C 148 -11.46 19.66 -18.16
N GLU C 149 -10.53 20.23 -17.43
CA GLU C 149 -9.22 20.71 -17.99
C GLU C 149 -8.51 19.51 -18.62
N ARG C 150 -8.64 18.31 -18.02
CA ARG C 150 -7.93 17.08 -18.48
C ARG C 150 -8.81 16.26 -19.43
N ARG C 151 -9.97 16.76 -19.83
CA ARG C 151 -10.87 16.12 -20.81
C ARG C 151 -11.31 14.74 -20.30
N ILE C 152 -11.57 14.63 -18.99
CA ILE C 152 -12.00 13.33 -18.42
C ILE C 152 -13.51 13.16 -18.61
N THR C 153 -13.95 12.00 -19.07
CA THR C 153 -15.37 11.68 -19.27
C THR C 153 -15.83 10.51 -18.40
N HIS C 154 -14.89 9.65 -17.94
CA HIS C 154 -15.19 8.37 -17.27
C HIS C 154 -14.45 8.35 -15.95
N LEU C 155 -15.11 7.85 -14.89
CA LEU C 155 -14.50 7.75 -13.54
C LEU C 155 -14.63 6.33 -13.03
N LEU C 156 -13.52 5.80 -12.54
CA LEU C 156 -13.50 4.57 -11.74
C LEU C 156 -13.49 5.03 -10.29
N VAL C 157 -14.35 4.47 -9.47
CA VAL C 157 -14.63 5.03 -8.12
C VAL C 157 -14.39 3.97 -7.07
N ALA C 158 -13.71 4.34 -5.99
CA ALA C 158 -13.44 3.46 -4.85
C ALA C 158 -13.38 4.31 -3.60
N GLY C 159 -13.52 3.67 -2.45
CA GLY C 159 -13.22 4.32 -1.17
C GLY C 159 -14.26 4.09 -0.13
N VAL C 160 -14.31 4.98 0.85
CA VAL C 160 -15.20 4.78 2.02
C VAL C 160 -15.89 6.11 2.34
N THR C 161 -17.03 6.05 3.00
CA THR C 161 -17.86 4.87 3.15
C THR C 161 -18.85 4.83 1.97
N THR C 162 -19.27 3.61 1.63
CA THR C 162 -20.06 3.35 0.43
C THR C 162 -21.27 4.25 0.39
N GLU C 163 -22.02 4.37 1.46
CA GLU C 163 -23.34 5.04 1.43
C GLU C 163 -23.22 6.51 1.73
N VAL C 164 -22.05 7.02 2.12
CA VAL C 164 -21.89 8.46 2.46
C VAL C 164 -21.06 9.08 1.35
N SER C 165 -19.74 9.18 1.46
CA SER C 165 -18.95 9.95 0.49
C SER C 165 -18.94 9.25 -0.85
N VAL C 166 -18.89 7.94 -0.94
CA VAL C 166 -18.83 7.25 -2.27
C VAL C 166 -20.13 7.54 -3.02
N GLN C 167 -21.25 7.21 -2.43
CA GLN C 167 -22.56 7.41 -3.11
C GLN C 167 -22.76 8.89 -3.43
N THR C 168 -22.43 9.80 -2.53
CA THR C 168 -22.70 11.24 -2.75
C THR C 168 -21.87 11.69 -3.96
N SER C 169 -20.60 11.29 -4.00
CA SER C 169 -19.67 11.70 -5.07
C SER C 169 -20.12 11.08 -6.37
N MET C 170 -20.57 9.84 -6.40
CA MET C 170 -21.02 9.19 -7.66
C MET C 170 -22.32 9.82 -8.17
N ARG C 171 -23.25 10.15 -7.28
CA ARG C 171 -24.48 10.85 -7.70
C ARG C 171 -24.13 12.23 -8.24
N GLU C 172 -23.24 12.94 -7.63
CA GLU C 172 -22.80 14.26 -8.14
C GLU C 172 -22.16 14.07 -9.54
N ALA C 173 -21.28 13.11 -9.68
CA ALA C 173 -20.57 12.90 -10.96
C ALA C 173 -21.56 12.54 -12.04
N ASN C 174 -22.50 11.68 -11.77
CA ASN C 174 -23.54 11.27 -12.72
C ASN C 174 -24.32 12.49 -13.20
N ASP C 175 -24.70 13.38 -12.31
CA ASP C 175 -25.45 14.60 -12.69
C ASP C 175 -24.61 15.45 -13.65
N ARG C 176 -23.29 15.49 -13.46
CA ARG C 176 -22.35 16.30 -14.28
C ARG C 176 -21.95 15.57 -15.56
N GLY C 177 -22.50 14.44 -15.89
CA GLY C 177 -22.35 13.79 -17.20
C GLY C 177 -21.22 12.79 -17.26
N TYR C 178 -20.57 12.45 -16.13
CA TYR C 178 -19.53 11.42 -16.10
C TYR C 178 -20.15 10.03 -16.17
N GLU C 179 -19.43 9.10 -16.77
CA GLU C 179 -19.78 7.68 -16.82
C GLU C 179 -18.97 6.97 -15.74
N CYS C 180 -19.63 6.54 -14.67
CA CYS C 180 -18.91 6.08 -13.46
C CYS C 180 -19.06 4.59 -13.25
N LEU C 181 -17.95 3.93 -12.94
CA LEU C 181 -17.88 2.53 -12.55
C LEU C 181 -17.36 2.43 -11.13
N VAL C 182 -18.19 1.98 -10.20
CA VAL C 182 -17.75 1.72 -8.81
C VAL C 182 -17.18 0.31 -8.71
N ILE C 183 -16.02 0.21 -8.11
CA ILE C 183 -15.33 -1.08 -7.91
C ILE C 183 -15.82 -1.60 -6.57
N GLU C 184 -16.69 -2.60 -6.62
CA GLU C 184 -17.55 -2.97 -5.47
C GLU C 184 -16.75 -3.48 -4.26
N ASP C 185 -15.66 -4.19 -4.49
CA ASP C 185 -14.83 -4.75 -3.40
C ASP C 185 -13.70 -3.78 -3.02
N ALA C 186 -13.72 -2.58 -3.60
CA ALA C 186 -12.80 -1.49 -3.25
C ALA C 186 -13.57 -0.37 -2.54
N CYS C 187 -14.73 -0.69 -2.01
N CYS C 187 -14.76 -0.66 -2.03
CA CYS C 187 -15.56 0.21 -1.18
CA CYS C 187 -15.50 0.27 -1.15
C CYS C 187 -16.01 -0.55 0.06
C CYS C 187 -16.03 -0.52 0.03
N ALA C 188 -16.29 0.18 1.14
CA ALA C 188 -16.82 -0.45 2.34
C ALA C 188 -17.54 0.58 3.18
N SER C 189 -18.36 0.06 4.08
CA SER C 189 -19.23 0.83 4.99
C SER C 189 -19.05 0.34 6.43
N TYR C 190 -19.45 1.16 7.35
CA TYR C 190 -19.62 0.70 8.76
C TYR C 190 -20.85 -0.19 8.87
N PHE C 191 -21.75 -0.15 7.91
CA PHE C 191 -23.04 -0.89 7.95
C PHE C 191 -23.13 -1.78 6.73
N PRO C 192 -22.95 -3.10 6.81
CA PRO C 192 -23.00 -3.94 5.63
C PRO C 192 -24.29 -3.84 4.82
N ASP C 193 -25.43 -3.61 5.47
CA ASP C 193 -26.70 -3.52 4.72
C ASP C 193 -26.67 -2.23 3.89
N PHE C 194 -26.07 -1.15 4.42
CA PHE C 194 -26.04 0.11 3.64
C PHE C 194 -25.08 -0.02 2.46
N HIS C 195 -24.01 -0.78 2.58
CA HIS C 195 -23.07 -1.06 1.47
C HIS C 195 -23.85 -1.77 0.37
N ARG C 196 -24.46 -2.91 0.72
CA ARG C 196 -25.14 -3.77 -0.26
C ARG C 196 -26.23 -2.95 -0.98
N ILE C 197 -27.09 -2.30 -0.23
N ILE C 197 -27.11 -2.29 -0.24
CA ILE C 197 -28.27 -1.64 -0.85
CA ILE C 197 -28.28 -1.66 -0.88
C ILE C 197 -27.83 -0.42 -1.64
C ILE C 197 -27.83 -0.42 -1.64
N THR C 198 -26.77 0.27 -1.22
CA THR C 198 -26.26 1.43 -2.00
C THR C 198 -25.82 0.94 -3.37
N LEU C 199 -25.07 -0.16 -3.42
CA LEU C 199 -24.59 -0.66 -4.73
C LEU C 199 -25.78 -1.02 -5.59
N GLU C 200 -26.79 -1.65 -4.99
CA GLU C 200 -27.99 -2.02 -5.78
C GLU C 200 -28.70 -0.76 -6.28
N MET C 201 -28.85 0.27 -5.47
CA MET C 201 -29.57 1.49 -5.89
C MET C 201 -28.82 2.19 -7.01
N LEU C 202 -27.48 2.22 -6.95
CA LEU C 202 -26.69 3.00 -7.92
C LEU C 202 -26.90 2.41 -9.32
N THR C 203 -27.12 1.12 -9.42
CA THR C 203 -27.12 0.44 -10.74
C THR C 203 -28.51 -0.03 -11.10
N ALA C 204 -29.52 0.29 -10.31
CA ALA C 204 -30.92 -0.09 -10.60
C ALA C 204 -31.45 0.69 -11.81
N GLN C 205 -32.59 0.20 -12.35
CA GLN C 205 -33.31 0.92 -13.42
C GLN C 205 -32.40 1.13 -14.65
N GLY C 206 -31.58 0.11 -14.95
CA GLY C 206 -30.66 0.15 -16.10
C GLY C 206 -29.51 1.14 -15.92
N GLY C 207 -28.98 1.21 -14.69
CA GLY C 207 -27.76 1.99 -14.43
C GLY C 207 -28.02 3.44 -14.14
N ILE C 208 -29.06 3.72 -13.35
CA ILE C 208 -29.51 5.13 -13.23
C ILE C 208 -28.40 6.04 -12.73
N VAL C 209 -27.55 5.60 -11.78
CA VAL C 209 -26.38 6.42 -11.41
C VAL C 209 -25.12 5.94 -12.14
N GLY C 210 -24.94 4.67 -12.33
CA GLY C 210 -23.77 4.15 -13.07
C GLY C 210 -23.70 2.66 -13.00
N TRP C 211 -22.45 2.16 -13.02
CA TRP C 211 -22.13 0.73 -13.14
C TRP C 211 -21.38 0.28 -11.91
N ARG C 212 -21.33 -1.02 -11.67
CA ARG C 212 -20.50 -1.61 -10.62
C ARG C 212 -19.90 -2.93 -11.09
N THR C 213 -18.72 -3.25 -10.62
CA THR C 213 -18.09 -4.56 -10.90
C THR C 213 -17.04 -4.81 -9.84
N PRO C 214 -16.66 -6.07 -9.60
CA PRO C 214 -15.48 -6.33 -8.77
C PRO C 214 -14.17 -6.05 -9.49
N LEU C 215 -13.12 -5.85 -8.68
CA LEU C 215 -11.80 -5.51 -9.25
C LEU C 215 -11.34 -6.57 -10.27
N ALA C 216 -11.66 -7.82 -10.00
CA ALA C 216 -11.18 -8.91 -10.90
C ALA C 216 -11.68 -8.68 -12.33
N GLN C 217 -12.91 -8.18 -12.52
N GLN C 217 -12.92 -8.18 -12.51
CA GLN C 217 -13.44 -7.90 -13.87
CA GLN C 217 -13.43 -7.91 -13.88
C GLN C 217 -12.68 -6.74 -14.54
C GLN C 217 -12.70 -6.74 -14.53
N LEU C 218 -12.30 -5.72 -13.76
CA LEU C 218 -11.50 -4.61 -14.32
C LEU C 218 -10.11 -5.13 -14.71
N GLN C 219 -9.49 -5.92 -13.85
CA GLN C 219 -8.15 -6.49 -14.10
C GLN C 219 -8.20 -7.33 -15.38
N ALA C 220 -9.29 -8.06 -15.59
CA ALA C 220 -9.43 -8.95 -16.77
C ALA C 220 -9.42 -8.09 -18.02
N GLY C 221 -10.01 -6.90 -17.97
CA GLY C 221 -10.18 -6.04 -19.13
C GLY C 221 -8.89 -5.33 -19.52
N VAL C 222 -8.00 -5.07 -18.58
CA VAL C 222 -6.68 -4.44 -18.85
C VAL C 222 -5.67 -5.57 -19.02
N MET D 4 -40.60 29.82 17.46
CA MET D 4 -39.78 28.60 17.19
C MET D 4 -40.67 27.34 17.30
N ILE D 5 -40.49 26.36 16.41
CA ILE D 5 -41.30 25.11 16.39
C ILE D 5 -40.35 23.96 16.68
N ARG D 6 -40.63 23.07 17.60
CA ARG D 6 -39.76 21.94 17.94
C ARG D 6 -40.64 20.71 17.81
N ILE D 7 -40.28 19.76 16.94
CA ILE D 7 -41.12 18.57 16.71
C ILE D 7 -40.33 17.29 16.95
N ASP D 8 -41.04 16.19 17.22
CA ASP D 8 -40.46 14.86 17.39
C ASP D 8 -39.98 14.48 15.98
N ALA D 9 -38.77 14.02 15.92
CA ALA D 9 -38.16 13.48 14.70
C ALA D 9 -37.15 12.43 15.07
N THR D 10 -36.69 11.69 14.08
CA THR D 10 -35.55 10.77 14.19
C THR D 10 -34.37 11.50 13.56
N PRO D 11 -33.16 11.57 14.15
CA PRO D 11 -32.80 10.80 15.35
C PRO D 11 -33.06 11.50 16.68
N TYR D 12 -33.40 12.77 16.64
CA TYR D 12 -33.77 13.56 17.84
C TYR D 12 -34.58 14.75 17.37
N PRO D 13 -35.17 15.57 18.25
CA PRO D 13 -36.11 16.60 17.80
C PRO D 13 -35.49 17.59 16.82
N TYR D 14 -36.36 18.08 15.96
CA TYR D 14 -35.99 19.08 14.94
C TYR D 14 -36.66 20.40 15.26
N GLN D 15 -35.89 21.47 15.29
CA GLN D 15 -36.35 22.81 15.68
C GLN D 15 -36.15 23.71 14.47
N PHE D 16 -37.14 24.54 14.16
CA PHE D 16 -37.02 25.49 13.04
C PHE D 16 -37.91 26.69 13.32
N HIS D 17 -37.66 27.74 12.59
CA HIS D 17 -38.48 28.98 12.60
C HIS D 17 -39.02 29.18 11.20
N PRO D 18 -40.34 29.36 11.00
CA PRO D 18 -40.87 29.57 9.67
C PRO D 18 -40.16 30.65 8.83
N ARG D 19 -39.68 31.72 9.44
CA ARG D 19 -39.05 32.84 8.68
C ARG D 19 -37.75 32.38 7.99
N SER D 20 -37.09 31.35 8.51
CA SER D 20 -35.78 30.90 8.00
C SER D 20 -35.90 29.47 7.48
N THR D 21 -37.11 29.02 7.14
CA THR D 21 -37.34 27.64 6.67
C THR D 21 -38.02 27.67 5.33
N ALA D 22 -37.69 26.73 4.44
CA ALA D 22 -38.38 26.55 3.16
C ALA D 22 -38.88 25.11 3.06
N LEU D 23 -39.99 24.91 2.41
CA LEU D 23 -40.43 23.58 1.94
C LEU D 23 -39.90 23.39 0.52
N VAL D 24 -39.25 22.27 0.24
CA VAL D 24 -38.79 21.89 -1.10
C VAL D 24 -39.57 20.65 -1.52
N VAL D 25 -40.36 20.75 -2.58
CA VAL D 25 -41.17 19.65 -3.13
C VAL D 25 -40.47 19.18 -4.40
N ILE D 26 -39.96 17.98 -4.42
CA ILE D 26 -39.05 17.49 -5.48
C ILE D 26 -39.79 16.63 -6.47
N ASP D 27 -39.81 17.09 -7.74
CA ASP D 27 -40.12 16.29 -8.94
C ASP D 27 -41.46 15.56 -8.88
N MET D 28 -42.49 16.27 -8.39
CA MET D 28 -43.84 15.66 -8.33
C MET D 28 -44.53 15.82 -9.70
N GLN D 29 -43.99 15.11 -10.67
CA GLN D 29 -44.33 15.31 -12.11
C GLN D 29 -45.00 14.08 -12.68
N ARG D 30 -45.81 14.27 -13.75
CA ARG D 30 -46.39 13.14 -14.46
C ARG D 30 -45.32 12.20 -15.00
N ASP D 31 -44.13 12.74 -15.33
CA ASP D 31 -43.04 11.90 -15.90
C ASP D 31 -42.67 10.79 -14.92
N PHE D 32 -42.86 11.01 -13.59
CA PHE D 32 -42.55 9.98 -12.59
C PHE D 32 -43.79 9.27 -12.07
N ILE D 33 -44.93 9.95 -12.04
CA ILE D 33 -46.11 9.47 -11.26
C ILE D 33 -47.18 8.86 -12.18
N GLU D 34 -47.22 9.25 -13.44
CA GLU D 34 -48.19 8.69 -14.42
C GLU D 34 -47.54 7.67 -15.34
N GLU D 35 -48.31 6.73 -15.85
CA GLU D 35 -47.81 5.68 -16.79
C GLU D 35 -47.43 6.34 -18.10
N GLY D 36 -46.34 5.88 -18.72
CA GLY D 36 -45.93 6.25 -20.08
C GLY D 36 -44.92 7.39 -20.15
N GLY D 37 -44.41 7.87 -19.01
CA GLY D 37 -43.35 8.89 -19.01
C GLY D 37 -42.00 8.26 -18.73
N PHE D 38 -41.08 9.10 -18.29
CA PHE D 38 -39.68 8.70 -18.04
C PHE D 38 -39.62 7.52 -17.06
N GLY D 39 -40.34 7.58 -15.92
CA GLY D 39 -40.37 6.45 -14.99
C GLY D 39 -40.73 5.13 -15.66
N SER D 40 -41.81 5.12 -16.48
CA SER D 40 -42.21 3.90 -17.22
C SER D 40 -41.12 3.49 -18.23
N ALA D 41 -40.52 4.46 -18.88
CA ALA D 41 -39.51 4.20 -19.94
C ALA D 41 -38.32 3.45 -19.35
N LEU D 42 -38.01 3.67 -18.06
CA LEU D 42 -36.89 2.97 -17.37
C LEU D 42 -37.32 1.59 -16.89
N GLY D 43 -38.55 1.15 -17.18
CA GLY D 43 -39.02 -0.21 -16.86
C GLY D 43 -39.73 -0.29 -15.53
N ASN D 44 -40.06 0.82 -14.90
CA ASN D 44 -40.69 0.78 -13.56
C ASN D 44 -42.23 0.67 -13.63
N ASP D 45 -42.80 0.05 -12.62
CA ASP D 45 -44.22 0.16 -12.28
C ASP D 45 -44.35 1.44 -11.47
N VAL D 46 -44.92 2.48 -12.03
CA VAL D 46 -44.94 3.82 -11.37
C VAL D 46 -46.07 3.93 -10.33
N ARG D 47 -46.95 2.94 -10.23
CA ARG D 47 -48.21 3.11 -9.44
C ARG D 47 -47.99 3.43 -7.96
N PRO D 48 -46.94 2.94 -7.26
CA PRO D 48 -46.75 3.29 -5.85
C PRO D 48 -46.70 4.80 -5.57
N LEU D 49 -46.22 5.62 -6.51
CA LEU D 49 -45.94 7.03 -6.15
C LEU D 49 -47.25 7.82 -5.92
N ALA D 50 -48.35 7.45 -6.58
CA ALA D 50 -49.58 8.28 -6.46
C ALA D 50 -50.13 8.27 -5.04
N ALA D 51 -49.80 7.26 -4.24
CA ALA D 51 -50.36 7.10 -2.88
C ALA D 51 -50.01 8.29 -1.99
N ILE D 52 -48.89 9.00 -2.25
CA ILE D 52 -48.44 10.10 -1.36
C ILE D 52 -49.06 11.45 -1.71
N VAL D 53 -49.76 11.54 -2.83
CA VAL D 53 -50.18 12.88 -3.34
C VAL D 53 -51.01 13.61 -2.28
N PRO D 54 -52.02 13.01 -1.61
CA PRO D 54 -52.74 13.79 -0.61
C PRO D 54 -51.89 14.28 0.58
N THR D 55 -50.87 13.48 0.95
CA THR D 55 -49.96 13.87 2.03
C THR D 55 -49.10 15.06 1.59
N VAL D 56 -48.57 14.99 0.34
CA VAL D 56 -47.77 16.13 -0.16
C VAL D 56 -48.66 17.38 -0.25
N ALA D 57 -49.93 17.21 -0.69
CA ALA D 57 -50.86 18.36 -0.77
C ALA D 57 -51.08 18.97 0.62
N ALA D 58 -51.24 18.12 1.64
CA ALA D 58 -51.40 18.64 3.01
C ALA D 58 -50.15 19.36 3.51
N LEU D 59 -48.97 18.85 3.17
CA LEU D 59 -47.70 19.52 3.53
C LEU D 59 -47.56 20.88 2.85
N LEU D 60 -47.94 20.95 1.58
CA LEU D 60 -47.92 22.21 0.81
C LEU D 60 -48.87 23.23 1.49
N GLN D 61 -50.07 22.79 1.86
CA GLN D 61 -51.03 23.66 2.56
C GLN D 61 -50.45 24.11 3.90
N LEU D 62 -49.80 23.23 4.66
CA LEU D 62 -49.18 23.60 5.95
C LEU D 62 -48.15 24.71 5.74
N ALA D 63 -47.27 24.56 4.74
CA ALA D 63 -46.23 25.58 4.49
C ALA D 63 -46.88 26.91 4.07
N ARG D 64 -47.90 26.86 3.21
CA ARG D 64 -48.59 28.06 2.68
C ARG D 64 -49.28 28.78 3.85
N GLU D 65 -49.89 28.02 4.75
CA GLU D 65 -50.60 28.60 5.92
C GLU D 65 -49.58 29.19 6.90
N ALA D 66 -48.36 28.66 6.98
CA ALA D 66 -47.30 29.18 7.87
C ALA D 66 -46.54 30.36 7.24
N GLY D 67 -46.81 30.66 5.96
CA GLY D 67 -46.14 31.73 5.21
C GLY D 67 -44.70 31.41 4.86
N MET D 68 -44.33 30.15 4.82
CA MET D 68 -42.94 29.74 4.49
C MET D 68 -42.72 29.79 2.98
N LEU D 69 -41.46 30.05 2.57
CA LEU D 69 -41.06 29.87 1.17
C LEU D 69 -41.32 28.44 0.71
N VAL D 70 -41.87 28.28 -0.46
CA VAL D 70 -42.12 26.99 -1.12
C VAL D 70 -41.33 26.96 -2.42
N VAL D 71 -40.59 25.87 -2.62
CA VAL D 71 -39.75 25.61 -3.80
C VAL D 71 -40.26 24.34 -4.43
N HIS D 72 -40.51 24.31 -5.71
CA HIS D 72 -40.88 23.11 -6.46
C HIS D 72 -39.75 22.85 -7.43
N THR D 73 -39.34 21.59 -7.58
CA THR D 73 -38.36 21.23 -8.63
C THR D 73 -39.04 20.37 -9.66
N ARG D 74 -38.56 20.46 -10.90
CA ARG D 74 -38.93 19.58 -12.01
C ARG D 74 -37.64 19.08 -12.65
N GLU D 75 -37.49 17.79 -12.78
CA GLU D 75 -36.39 17.23 -13.59
C GLU D 75 -36.82 17.44 -15.04
N SER D 76 -35.97 18.10 -15.82
CA SER D 76 -36.38 18.48 -17.19
C SER D 76 -35.17 18.91 -17.99
N HIS D 77 -35.35 18.87 -19.29
CA HIS D 77 -34.30 19.29 -20.27
C HIS D 77 -34.85 20.31 -21.25
N LEU D 78 -33.97 21.21 -21.68
CA LEU D 78 -34.26 22.16 -22.78
C LEU D 78 -34.71 21.37 -23.99
N PRO D 79 -35.66 21.95 -24.79
CA PRO D 79 -36.08 21.27 -26.01
C PRO D 79 -34.95 20.93 -27.00
N ASP D 80 -33.87 21.71 -26.99
CA ASP D 80 -32.70 21.39 -27.85
C ASP D 80 -31.79 20.33 -27.18
N LEU D 81 -32.10 19.92 -25.95
CA LEU D 81 -31.35 18.88 -25.18
C LEU D 81 -29.90 19.29 -24.97
N SER D 82 -29.58 20.56 -25.00
CA SER D 82 -28.18 21.05 -24.81
C SER D 82 -27.74 20.83 -23.35
N ASP D 83 -28.69 20.63 -22.42
CA ASP D 83 -28.35 20.39 -20.99
C ASP D 83 -28.57 18.93 -20.66
N CYS D 84 -28.75 18.05 -21.64
CA CYS D 84 -28.90 16.60 -21.39
C CYS D 84 -27.61 15.93 -21.82
N PRO D 85 -26.73 15.53 -20.87
CA PRO D 85 -25.49 14.90 -21.31
C PRO D 85 -25.75 13.61 -22.09
N ARG D 86 -24.84 13.29 -23.02
CA ARG D 86 -24.95 12.06 -23.82
C ARG D 86 -25.12 10.83 -22.92
N SER D 87 -24.37 10.79 -21.80
CA SER D 87 -24.44 9.67 -20.84
C SER D 87 -25.90 9.40 -20.42
N LYS D 88 -26.59 10.47 -20.08
CA LYS D 88 -27.98 10.34 -19.58
C LYS D 88 -28.93 9.94 -20.70
N ARG D 89 -28.69 10.46 -21.91
CA ARG D 89 -29.57 10.14 -23.07
C ARG D 89 -29.48 8.65 -23.38
N LEU D 90 -28.26 8.07 -23.28
CA LEU D 90 -28.07 6.67 -23.73
C LEU D 90 -28.21 5.66 -22.60
N ARG D 91 -28.22 6.09 -21.35
CA ARG D 91 -28.15 5.14 -20.21
C ARG D 91 -29.32 4.17 -20.25
N GLY D 92 -29.07 2.87 -20.11
CA GLY D 92 -30.11 1.83 -20.04
C GLY D 92 -30.64 1.42 -21.40
N ASN D 93 -30.18 2.08 -22.47
CA ASN D 93 -30.61 1.87 -23.90
C ASN D 93 -32.12 1.60 -23.91
N PRO D 94 -32.99 2.52 -23.42
CA PRO D 94 -34.43 2.29 -23.40
C PRO D 94 -34.97 2.33 -24.84
N THR D 95 -36.08 1.63 -25.09
CA THR D 95 -36.75 1.64 -26.42
C THR D 95 -37.20 3.06 -26.74
N LEU D 96 -37.81 3.77 -25.77
CA LEU D 96 -38.08 5.22 -25.84
C LEU D 96 -37.32 5.94 -24.72
N GLY D 97 -36.54 6.94 -25.08
CA GLY D 97 -35.66 7.65 -24.14
C GLY D 97 -35.94 9.11 -24.05
N ILE D 98 -35.10 9.84 -23.35
CA ILE D 98 -35.22 11.30 -23.17
C ILE D 98 -35.37 11.96 -24.54
N GLY D 99 -36.40 12.78 -24.69
CA GLY D 99 -36.65 13.56 -25.92
C GLY D 99 -37.50 12.79 -26.92
N ASP D 100 -37.67 11.48 -26.77
CA ASP D 100 -38.51 10.68 -27.68
C ASP D 100 -39.97 10.93 -27.31
N VAL D 101 -40.86 10.78 -28.30
CA VAL D 101 -42.32 11.02 -28.08
C VAL D 101 -42.95 9.77 -27.46
N GLY D 102 -43.46 9.93 -26.24
CA GLY D 102 -44.29 8.89 -25.62
C GLY D 102 -45.74 9.37 -25.60
N PRO D 103 -46.62 8.64 -24.90
CA PRO D 103 -48.04 9.02 -24.84
C PRO D 103 -48.33 10.39 -24.21
N MET D 104 -47.39 10.97 -23.44
CA MET D 104 -47.59 12.34 -22.88
C MET D 104 -46.60 13.34 -23.49
N GLY D 105 -46.07 13.06 -24.68
CA GLY D 105 -45.14 13.99 -25.34
C GLY D 105 -43.69 13.60 -25.15
N ARG D 106 -42.80 14.51 -25.47
CA ARG D 106 -41.34 14.22 -25.41
C ARG D 106 -40.93 13.96 -23.95
N ILE D 107 -40.33 12.82 -23.73
CA ILE D 107 -39.99 12.30 -22.37
C ILE D 107 -38.96 13.23 -21.71
N LEU D 108 -39.27 13.77 -20.52
CA LEU D 108 -38.36 14.60 -19.67
C LEU D 108 -37.96 15.91 -20.32
N VAL D 109 -38.79 16.45 -21.22
CA VAL D 109 -38.51 17.74 -21.87
C VAL D 109 -39.42 18.83 -21.31
N GLN D 110 -38.85 19.98 -21.05
CA GLN D 110 -39.57 21.21 -20.62
C GLN D 110 -40.72 21.49 -21.59
N GLY D 111 -41.89 21.78 -21.02
CA GLY D 111 -43.04 22.27 -21.79
C GLY D 111 -43.97 21.15 -22.22
N GLU D 112 -43.59 19.90 -22.11
CA GLU D 112 -44.40 18.77 -22.56
C GLU D 112 -45.42 18.36 -21.49
N PRO D 113 -46.58 17.79 -21.87
CA PRO D 113 -47.58 17.40 -20.86
C PRO D 113 -47.01 16.47 -19.77
N GLY D 114 -46.23 15.47 -20.20
CA GLY D 114 -45.70 14.47 -19.27
C GLY D 114 -44.74 15.10 -18.29
N ASN D 115 -44.17 16.29 -18.52
CA ASN D 115 -43.11 16.85 -17.67
C ASN D 115 -43.73 17.66 -16.53
N GLN D 116 -45.06 17.89 -16.58
CA GLN D 116 -45.67 18.88 -15.68
C GLN D 116 -45.86 18.35 -14.25
N ILE D 117 -45.75 19.28 -13.34
CA ILE D 117 -46.15 19.03 -11.92
C ILE D 117 -47.65 18.67 -11.87
N LEU D 118 -48.01 17.68 -11.07
CA LEU D 118 -49.41 17.27 -10.94
C LEU D 118 -50.27 18.48 -10.58
N PRO D 119 -51.49 18.57 -11.19
CA PRO D 119 -52.40 19.65 -10.79
C PRO D 119 -52.66 19.77 -9.27
N GLN D 120 -52.74 18.62 -8.60
CA GLN D 120 -53.02 18.53 -7.15
C GLN D 120 -51.94 19.26 -6.35
N LEU D 121 -50.75 19.48 -6.94
CA LEU D 121 -49.58 20.05 -6.21
C LEU D 121 -49.03 21.27 -6.96
N ALA D 122 -49.85 21.91 -7.77
CA ALA D 122 -49.37 22.97 -8.68
C ALA D 122 -48.84 24.17 -7.88
N PRO D 123 -47.76 24.80 -8.35
CA PRO D 123 -47.27 26.03 -7.77
C PRO D 123 -48.29 27.17 -7.93
N VAL D 124 -48.18 28.10 -7.03
CA VAL D 124 -48.89 29.40 -7.13
C VAL D 124 -47.87 30.52 -7.22
N GLU D 125 -48.31 31.69 -7.65
CA GLU D 125 -47.44 32.89 -7.74
C GLU D 125 -46.78 33.14 -6.37
N GLY D 126 -45.48 33.45 -6.36
CA GLY D 126 -44.72 33.70 -5.12
C GLY D 126 -43.92 32.47 -4.67
N GLU D 127 -44.10 31.35 -5.36
CA GLU D 127 -43.30 30.14 -5.07
C GLU D 127 -42.22 30.03 -6.14
N LEU D 128 -41.11 29.40 -5.77
CA LEU D 128 -39.97 29.23 -6.72
C LEU D 128 -40.20 27.93 -7.45
N VAL D 129 -39.99 27.88 -8.75
CA VAL D 129 -40.09 26.67 -9.58
C VAL D 129 -38.75 26.53 -10.28
N ILE D 130 -38.04 25.47 -9.96
CA ILE D 130 -36.62 25.22 -10.42
C ILE D 130 -36.69 24.07 -11.42
N ASP D 131 -36.27 24.28 -12.66
CA ASP D 131 -36.01 23.19 -13.62
C ASP D 131 -34.56 22.76 -13.44
N LYS D 132 -34.38 21.46 -13.31
CA LYS D 132 -33.04 20.92 -13.06
C LYS D 132 -32.74 19.79 -14.01
N PRO D 133 -31.50 19.76 -14.58
CA PRO D 133 -31.14 18.71 -15.51
C PRO D 133 -30.57 17.42 -14.91
N GLY D 134 -30.37 17.47 -13.58
CA GLY D 134 -29.88 16.31 -12.85
C GLY D 134 -30.84 15.90 -11.78
N LYS D 135 -30.42 14.95 -10.96
CA LYS D 135 -31.26 14.45 -9.85
C LYS D 135 -31.15 15.39 -8.68
N GLY D 136 -30.01 16.01 -8.43
CA GLY D 136 -29.80 16.94 -7.34
C GLY D 136 -30.40 18.30 -7.63
N ALA D 137 -31.15 18.86 -6.68
CA ALA D 137 -31.80 20.17 -6.85
C ALA D 137 -30.75 21.29 -6.90
N PHE D 138 -29.53 21.12 -6.44
CA PHE D 138 -28.53 22.21 -6.36
C PHE D 138 -27.65 22.23 -7.61
N TYR D 139 -27.55 21.17 -8.37
CA TYR D 139 -26.64 21.13 -9.53
C TYR D 139 -27.26 21.90 -10.69
N ALA D 140 -26.50 22.89 -11.21
CA ALA D 140 -26.85 23.63 -12.44
C ALA D 140 -28.18 24.38 -12.19
N THR D 141 -28.45 24.76 -10.95
CA THR D 141 -29.60 25.61 -10.59
C THR D 141 -29.12 26.78 -9.78
N ASP D 142 -29.99 27.76 -9.57
CA ASP D 142 -29.66 28.86 -8.65
C ASP D 142 -30.26 28.64 -7.27
N LEU D 143 -30.59 27.37 -6.91
CA LEU D 143 -31.29 27.16 -5.62
C LEU D 143 -30.49 27.70 -4.44
N HIS D 144 -29.20 27.36 -4.30
CA HIS D 144 -28.41 27.77 -3.12
C HIS D 144 -28.44 29.30 -3.02
N ALA D 145 -28.19 29.99 -4.14
CA ALA D 145 -28.16 31.47 -4.17
C ALA D 145 -29.52 32.04 -3.70
N GLN D 146 -30.63 31.46 -4.23
CA GLN D 146 -32.00 31.95 -3.91
C GLN D 146 -32.29 31.74 -2.42
N LEU D 147 -31.90 30.59 -1.86
CA LEU D 147 -32.10 30.35 -0.42
C LEU D 147 -31.23 31.27 0.44
N GLN D 148 -29.96 31.49 0.05
CA GLN D 148 -29.04 32.35 0.84
C GLN D 148 -29.54 33.83 0.84
N GLU D 149 -30.09 34.27 -0.27
CA GLU D 149 -30.65 35.65 -0.37
C GLU D 149 -31.78 35.81 0.66
N ARG D 150 -32.54 34.74 0.93
CA ARG D 150 -33.69 34.78 1.87
C ARG D 150 -33.28 34.35 3.29
N ARG D 151 -31.99 34.13 3.56
CA ARG D 151 -31.46 33.76 4.88
C ARG D 151 -32.15 32.47 5.36
N ILE D 152 -32.35 31.53 4.43
CA ILE D 152 -32.93 30.20 4.78
C ILE D 152 -31.83 29.30 5.34
N THR D 153 -32.09 28.67 6.47
CA THR D 153 -31.14 27.77 7.16
C THR D 153 -31.70 26.35 7.24
N HIS D 154 -33.00 26.17 7.13
CA HIS D 154 -33.71 24.91 7.41
C HIS D 154 -34.56 24.55 6.20
N LEU D 155 -34.58 23.27 5.82
CA LEU D 155 -35.38 22.79 4.69
C LEU D 155 -36.27 21.64 5.12
N LEU D 156 -37.54 21.73 4.79
CA LEU D 156 -38.46 20.60 4.87
C LEU D 156 -38.49 19.96 3.49
N VAL D 157 -38.34 18.67 3.39
CA VAL D 157 -38.10 18.00 2.08
C VAL D 157 -39.18 16.96 1.82
N ALA D 158 -39.74 16.93 0.63
CA ALA D 158 -40.70 15.93 0.17
C ALA D 158 -40.54 15.70 -1.31
N GLY D 159 -41.04 14.58 -1.80
CA GLY D 159 -41.16 14.35 -3.25
C GLY D 159 -40.71 12.99 -3.64
N VAL D 160 -40.37 12.84 -4.93
CA VAL D 160 -40.03 11.53 -5.50
C VAL D 160 -38.77 11.65 -6.36
N THR D 161 -38.06 10.54 -6.55
CA THR D 161 -38.17 9.32 -5.77
C THR D 161 -37.19 9.38 -4.59
N THR D 162 -37.54 8.71 -3.51
CA THR D 162 -36.82 8.78 -2.22
C THR D 162 -35.32 8.61 -2.45
N GLU D 163 -34.92 7.57 -3.16
CA GLU D 163 -33.48 7.19 -3.23
C GLU D 163 -32.78 7.91 -4.38
N VAL D 164 -33.48 8.63 -5.25
CA VAL D 164 -32.81 9.31 -6.39
C VAL D 164 -32.85 10.80 -6.09
N SER D 165 -33.82 11.56 -6.58
CA SER D 165 -33.73 13.02 -6.43
C SER D 165 -33.86 13.48 -4.98
N VAL D 166 -34.66 12.81 -4.16
CA VAL D 166 -34.82 13.27 -2.76
C VAL D 166 -33.50 13.08 -1.99
N GLN D 167 -32.94 11.89 -2.00
CA GLN D 167 -31.67 11.61 -1.29
C GLN D 167 -30.56 12.50 -1.86
N THR D 168 -30.52 12.65 -3.19
CA THR D 168 -29.38 13.41 -3.78
C THR D 168 -29.48 14.86 -3.29
N SER D 169 -30.69 15.44 -3.34
CA SER D 169 -30.90 16.83 -2.94
C SER D 169 -30.64 17.05 -1.45
N MET D 170 -31.04 16.10 -0.62
N MET D 170 -31.07 16.11 -0.60
CA MET D 170 -30.80 16.22 0.84
CA MET D 170 -30.82 16.11 0.87
C MET D 170 -29.30 16.11 1.14
C MET D 170 -29.31 16.12 1.12
N ARG D 171 -28.59 15.20 0.49
CA ARG D 171 -27.13 15.09 0.67
C ARG D 171 -26.44 16.38 0.21
N GLU D 172 -26.88 16.95 -0.89
CA GLU D 172 -26.30 18.22 -1.37
C GLU D 172 -26.57 19.33 -0.35
N ALA D 173 -27.81 19.41 0.15
CA ALA D 173 -28.17 20.49 1.09
C ALA D 173 -27.39 20.34 2.40
N ASN D 174 -27.24 19.11 2.88
CA ASN D 174 -26.48 18.86 4.12
C ASN D 174 -25.02 19.36 3.95
N ASP D 175 -24.41 19.07 2.81
CA ASP D 175 -23.03 19.53 2.57
C ASP D 175 -22.94 21.06 2.62
N ARG D 176 -23.98 21.74 2.12
CA ARG D 176 -24.07 23.23 2.09
C ARG D 176 -24.49 23.83 3.43
N GLY D 177 -24.70 23.06 4.47
CA GLY D 177 -24.92 23.58 5.85
C GLY D 177 -26.39 23.77 6.21
N TYR D 178 -27.29 23.28 5.39
CA TYR D 178 -28.76 23.30 5.72
C TYR D 178 -29.08 22.23 6.74
N GLU D 179 -30.07 22.52 7.59
CA GLU D 179 -30.64 21.53 8.52
C GLU D 179 -31.91 20.99 7.89
N CYS D 180 -31.90 19.73 7.47
CA CYS D 180 -32.97 19.20 6.60
C CYS D 180 -33.80 18.14 7.31
N LEU D 181 -35.12 18.30 7.21
CA LEU D 181 -36.12 17.31 7.71
C LEU D 181 -36.85 16.74 6.51
N VAL D 182 -36.72 15.43 6.29
CA VAL D 182 -37.51 14.75 5.25
C VAL D 182 -38.82 14.29 5.86
N ILE D 183 -39.91 14.58 5.18
CA ILE D 183 -41.27 14.16 5.63
C ILE D 183 -41.51 12.79 5.03
N GLU D 184 -41.41 11.76 5.87
CA GLU D 184 -41.24 10.35 5.42
C GLU D 184 -42.41 9.85 4.58
N ASP D 185 -43.65 10.22 4.95
CA ASP D 185 -44.84 9.79 4.20
C ASP D 185 -45.22 10.77 3.12
N ALA D 186 -44.36 11.76 2.85
CA ALA D 186 -44.51 12.66 1.69
C ALA D 186 -43.39 12.39 0.69
N CYS D 187 -42.80 11.21 0.74
N CYS D 187 -42.78 11.23 0.75
CA CYS D 187 -41.83 10.72 -0.25
CA CYS D 187 -41.84 10.79 -0.31
C CYS D 187 -42.18 9.30 -0.65
C CYS D 187 -42.10 9.31 -0.61
N ALA D 188 -41.76 8.87 -1.81
CA ALA D 188 -42.02 7.49 -2.26
C ALA D 188 -41.00 7.09 -3.32
N SER D 189 -40.91 5.81 -3.52
CA SER D 189 -39.97 5.16 -4.47
C SER D 189 -40.70 4.14 -5.31
N TYR D 190 -40.14 3.80 -6.45
CA TYR D 190 -40.56 2.60 -7.20
C TYR D 190 -40.21 1.33 -6.46
N PHE D 191 -39.26 1.37 -5.54
CA PHE D 191 -38.73 0.18 -4.84
C PHE D 191 -38.94 0.36 -3.34
N PRO D 192 -39.85 -0.37 -2.68
CA PRO D 192 -40.11 -0.16 -1.26
C PRO D 192 -38.87 -0.28 -0.36
N ASP D 193 -37.99 -1.20 -0.68
CA ASP D 193 -36.78 -1.42 0.16
C ASP D 193 -35.88 -0.20 -0.01
N PHE D 194 -35.81 0.39 -1.21
CA PHE D 194 -34.91 1.57 -1.37
C PHE D 194 -35.47 2.77 -0.60
N HIS D 195 -36.78 2.94 -0.55
CA HIS D 195 -37.42 4.00 0.25
C HIS D 195 -37.04 3.81 1.74
N ARG D 196 -37.35 2.62 2.26
CA ARG D 196 -37.16 2.35 3.70
C ARG D 196 -35.66 2.52 4.09
N ILE D 197 -34.77 1.91 3.33
CA ILE D 197 -33.34 1.91 3.75
C ILE D 197 -32.75 3.31 3.48
N THR D 198 -33.20 4.04 2.47
CA THR D 198 -32.67 5.39 2.23
C THR D 198 -33.01 6.26 3.47
N LEU D 199 -34.22 6.18 3.98
CA LEU D 199 -34.60 6.99 5.16
C LEU D 199 -33.68 6.61 6.32
N GLU D 200 -33.45 5.30 6.51
CA GLU D 200 -32.57 4.84 7.61
C GLU D 200 -31.14 5.39 7.42
N MET D 201 -30.60 5.37 6.20
N MET D 201 -30.62 5.38 6.18
CA MET D 201 -29.20 5.85 6.06
CA MET D 201 -29.25 5.88 5.88
C MET D 201 -29.13 7.38 6.21
C MET D 201 -29.14 7.37 6.20
N LEU D 202 -30.15 8.13 5.84
CA LEU D 202 -30.10 9.62 5.96
C LEU D 202 -29.95 10.02 7.42
N THR D 203 -30.54 9.24 8.33
CA THR D 203 -30.60 9.65 9.75
C THR D 203 -29.68 8.81 10.63
N ALA D 204 -28.90 7.92 10.06
CA ALA D 204 -27.95 7.06 10.79
C ALA D 204 -26.83 7.87 11.41
N GLN D 205 -26.10 7.25 12.38
CA GLN D 205 -24.87 7.86 12.94
C GLN D 205 -25.18 9.23 13.57
N GLY D 206 -26.37 9.35 14.20
CA GLY D 206 -26.75 10.61 14.87
C GLY D 206 -27.19 11.69 13.90
N GLY D 207 -27.78 11.33 12.77
CA GLY D 207 -28.30 12.32 11.82
C GLY D 207 -27.30 12.76 10.80
N ILE D 208 -26.55 11.82 10.24
CA ILE D 208 -25.37 12.21 9.41
C ILE D 208 -25.82 13.08 8.22
N VAL D 209 -26.96 12.80 7.59
CA VAL D 209 -27.48 13.74 6.55
C VAL D 209 -28.54 14.68 7.11
N GLY D 210 -29.41 14.21 7.99
CA GLY D 210 -30.47 15.07 8.56
C GLY D 210 -31.43 14.23 9.38
N TRP D 211 -32.67 14.70 9.33
CA TRP D 211 -33.77 14.22 10.21
C TRP D 211 -34.89 13.68 9.35
N ARG D 212 -35.75 12.88 9.96
CA ARG D 212 -36.98 12.41 9.28
C ARG D 212 -38.14 12.34 10.27
N THR D 213 -39.35 12.60 9.80
CA THR D 213 -40.53 12.47 10.68
C THR D 213 -41.74 12.33 9.77
N PRO D 214 -42.82 11.70 10.22
CA PRO D 214 -44.06 11.74 9.45
C PRO D 214 -44.77 13.09 9.52
N LEU D 215 -45.63 13.34 8.53
CA LEU D 215 -46.36 14.62 8.46
C LEU D 215 -47.10 14.92 9.79
N ALA D 216 -47.65 13.90 10.42
CA ALA D 216 -48.45 14.12 11.64
C ALA D 216 -47.62 14.81 12.72
N GLN D 217 -46.34 14.48 12.84
N GLN D 217 -46.33 14.51 12.81
CA GLN D 217 -45.45 15.10 13.86
CA GLN D 217 -45.41 15.06 13.84
C GLN D 217 -45.21 16.58 13.51
C GLN D 217 -45.11 16.53 13.52
N LEU D 218 -45.06 16.91 12.23
CA LEU D 218 -44.94 18.32 11.83
C LEU D 218 -46.24 19.07 12.11
N GLN D 219 -47.37 18.48 11.75
CA GLN D 219 -48.71 19.10 11.98
C GLN D 219 -48.86 19.37 13.48
N ALA D 220 -48.40 18.48 14.34
CA ALA D 220 -48.52 18.66 15.82
C ALA D 220 -47.76 19.91 16.24
N GLY D 221 -46.62 20.25 15.60
CA GLY D 221 -45.85 21.45 15.94
C GLY D 221 -46.50 22.76 15.56
N VAL D 222 -47.39 22.80 14.58
CA VAL D 222 -48.06 24.08 14.13
C VAL D 222 -49.52 24.12 14.62
N ALA D 223 -50.03 23.08 15.28
CA ALA D 223 -51.47 22.95 15.68
C ALA D 223 -51.88 23.97 16.75
NAA TIU E . 14.34 -12.65 -0.50
CAB TIU E . 14.77 -13.65 0.14
OAC TIU E . 15.04 -13.38 1.27
NAD TIU E . 14.88 -14.85 -0.49
CAE TIU E . 14.67 -16.01 0.13
OAH TIU E . 14.73 -17.09 -0.45
NAF TIU E . 14.47 -15.92 1.49
CAG TIU E . 14.09 -16.93 2.32
OAI TIU E . 14.06 -16.83 3.56
NAJ TIU E . 13.83 -18.17 1.84
C1 EDO F . 27.01 7.58 10.21
O1 EDO F . 26.79 8.87 10.74
C2 EDO F . 27.05 7.56 8.72
O2 EDO F . 27.29 8.79 8.07
NAA TIU G . 37.40 -11.97 8.74
CAB TIU G . 36.49 -11.36 9.40
OAC TIU G . 35.62 -12.07 9.78
NAD TIU G . 36.58 -10.02 9.58
CAE TIU G . 36.10 -9.44 10.72
OAH TIU G . 36.23 -8.21 10.85
NAF TIU G . 35.45 -10.18 11.59
CAG TIU G . 34.97 -9.79 12.85
OAI TIU G . 34.29 -10.54 13.49
NAJ TIU G . 35.26 -8.59 13.26
NAA TIU H . -16.25 10.06 3.91
CAB TIU H . -17.22 9.55 4.59
OAC TIU H . -17.87 8.70 4.01
NAD TIU H . -17.64 10.41 5.57
CAE TIU H . -18.37 9.92 6.58
OAH TIU H . -18.62 10.68 7.53
NAF TIU H . -18.81 8.67 6.52
CAG TIU H . -19.48 7.96 7.46
OAI TIU H . -19.96 6.87 7.28
NAJ TIU H . -19.62 8.52 8.67
C1 EDO I . -19.93 4.14 -20.62
O1 EDO I . -19.24 4.55 -21.78
C2 EDO I . -20.06 2.70 -20.42
O2 EDO I . -20.11 1.84 -21.58
NAA TIU J . -36.61 12.63 -9.59
CAB TIU J . -36.26 11.41 -9.69
OAC TIU J . -36.10 10.89 -8.61
NAD TIU J . -35.70 11.04 -10.85
CAE TIU J . -35.59 9.79 -11.22
OAH TIU J . -35.18 9.44 -12.37
NAF TIU J . -35.96 8.82 -10.36
CAG TIU J . -36.05 7.50 -10.53
OAI TIU J . -36.31 6.71 -9.60
NAJ TIU J . -35.96 6.97 -11.76
#